data_9NFL
#
_entry.id   9NFL
#
_cell.length_a   1.00
_cell.length_b   1.00
_cell.length_c   1.00
_cell.angle_alpha   90.00
_cell.angle_beta   90.00
_cell.angle_gamma   90.00
#
_symmetry.space_group_name_H-M   'P 1'
#
_entity_poly.entity_id   1
_entity_poly.type   'polypeptide(L)'
_entity_poly.pdbx_seq_one_letter_code
;MEGKEEMEMLANAKPHKNGGLREVKDEDDKKTGEKKKEKGAKLPMVGPLALFRFADGKDIVLIFMGTVMSVAHGAVLPLM
CIVFGDMTDSFIKDSMTSHIQITQITNPQFTFTYPQSTLQEDMQSFAIYYSIMGFVVLVAAYMQVSFWALAAGRQVRRIR
KLFFHRIMQQDIGWFDVNETGELNTRLTDDVYKIQEGIGDKVGMLIQAFSTFITSFIIGFVKGWKLTLVILAVSPALGIS
AAIFGKVLTNFTAKEQTAYAKAGAVAEEVLSAIRTVFAFSGQDREIKRYHKNLEDAKNMGIKKAISANIAMGFTFLMIYL
SYALAFWYGSILIMSKEYTIGTVLTVFFVVLIGAFTMGQTSPNIQSFASARGAAHKVYSIIDNQPCIDSYSDAGFKPDSI
KGNIEFRNIHFNYPSRPDVKILNNMSLSVKSGQTIALVGSSGCGKSTTIQLLQRFYDPQEGSVSIDTHDIRSLNVRYLRE
MIGVVSQEPILFATTIAENIKYGRPDVTQQEIEQAAKEANAYDFIMNLPDKFETLVGDRGTQMSGGQKQRIAIARALVRN
PKILLLDEATSALDAESETIVQAALDKVRLGRTTIVVAHRLSTIRNADVIAGFHKGDVIELGTHSQLMEKQGVYYTLVTM
QTFQQVEDGEESEYEQAEDEKSPSVKSFSQSSLYRRKSTRGSSFAGSEGEREEKEKLRDVTDRAEEDENVPPVSFLKVMR
LNLSEWPYMALGTFCAIINGMMQPLFAVIFSKIIAVFAEPNQEIVRQKSEFFSLMFAAIGGVTFVTMFLQGFCFGKSGEL
LTLKLRLGAFKSMMRQDLGWFDNPKNSVGALTTRLATDAAQVQGATGVRMATLAQNIANLGTSIIISFVYGWELTLLILS
VVPIMAVAGSVQMQLLAGHAAEDKKELEKAGKIATEAIENIRTVASLTREPKFESLYQENLHVPYKNSQKKAHVYGFTFS
FSQAMIYFAYAGCFRFGAWLIKEGRMDAEGVYLVISAVLFGAMAVGEANSFTPNYAKAKMSASHLMMLMNREPAIDNLSE
EGQSPDKFDGNVRFEGVKFNYPSRPEVPILRGLNLKVSKGETLALVGSSGCGKSTTIQLLERFYDPMHGKVELDGISAKQ
LNIHWLRSQIGIVSQEPVLFDCTLAENIAYGDNSRTVTLEEIQAAAKAANIHSFIENLPQGYDTQAGDKGTQLSGGQKQR
IAIARAILRNPKLLLLDEATSALDTESEKVVQEALDQASRGRTCIVVAHRLSTIQNADRIAVFQAGVVVEQGTHQQLLAK
KGIYSMLVNTQMGHERNCIDHHHHHH
;
_entity_poly.pdbx_strand_id   A
#
# COMPACT_ATOMS: atom_id res chain seq x y z
N LEU A 43 -4.13 -15.57 -3.47
CA LEU A 43 -4.82 -16.77 -3.05
C LEU A 43 -3.87 -17.74 -2.34
N PRO A 44 -2.82 -18.20 -3.02
CA PRO A 44 -1.90 -19.14 -2.39
C PRO A 44 -1.14 -18.49 -1.23
N MET A 45 -0.71 -19.32 -0.30
CA MET A 45 -0.11 -18.83 0.94
C MET A 45 0.90 -19.84 1.43
N VAL A 46 1.83 -19.39 2.27
CA VAL A 46 2.89 -20.22 2.81
C VAL A 46 2.89 -20.12 4.33
N GLY A 47 3.36 -21.19 4.97
CA GLY A 47 3.28 -21.32 6.40
C GLY A 47 3.81 -20.11 7.14
N PRO A 48 3.36 -19.90 8.37
CA PRO A 48 3.82 -18.73 9.12
C PRO A 48 5.32 -18.72 9.35
N LEU A 49 5.92 -19.88 9.57
CA LEU A 49 7.37 -19.93 9.75
C LEU A 49 8.09 -19.51 8.47
N ALA A 50 7.55 -19.90 7.32
CA ALA A 50 8.18 -19.57 6.04
C ALA A 50 8.31 -18.06 5.85
N LEU A 51 7.49 -17.27 6.55
CA LEU A 51 7.60 -15.82 6.46
C LEU A 51 8.90 -15.28 7.02
N PHE A 52 9.66 -16.10 7.75
CA PHE A 52 10.94 -15.69 8.33
C PHE A 52 11.99 -16.74 8.07
N ARG A 53 12.08 -17.20 6.81
CA ARG A 53 13.08 -18.19 6.44
C ARG A 53 14.50 -17.63 6.40
N PHE A 54 14.66 -16.31 6.42
CA PHE A 54 15.97 -15.68 6.26
C PHE A 54 16.39 -14.94 7.52
N ALA A 55 16.17 -15.56 8.68
CA ALA A 55 16.54 -14.98 9.96
C ALA A 55 17.83 -15.63 10.46
N ASP A 56 18.92 -14.86 10.43
CA ASP A 56 20.17 -15.33 11.01
C ASP A 56 20.06 -15.33 12.53
N GLY A 57 21.18 -15.65 13.19
CA GLY A 57 21.20 -15.69 14.63
C GLY A 57 20.76 -14.36 15.24
N LYS A 58 21.32 -13.27 14.71
CA LYS A 58 20.94 -11.95 15.18
C LYS A 58 19.46 -11.71 14.93
N ASP A 59 18.97 -12.15 13.78
CA ASP A 59 17.56 -11.96 13.45
C ASP A 59 16.67 -12.73 14.41
N ILE A 60 17.05 -13.96 14.75
CA ILE A 60 16.20 -14.76 15.64
C ILE A 60 16.21 -14.16 17.04
N VAL A 61 17.35 -13.67 17.51
CA VAL A 61 17.36 -13.07 18.84
C VAL A 61 16.55 -11.78 18.83
N LEU A 62 16.62 -11.01 17.75
CA LEU A 62 15.80 -9.81 17.63
C LEU A 62 14.31 -10.17 17.67
N ILE A 63 13.92 -11.22 16.94
CA ILE A 63 12.52 -11.62 16.91
C ILE A 63 12.08 -12.15 18.27
N PHE A 64 12.96 -12.86 18.95
CA PHE A 64 12.63 -13.40 20.27
C PHE A 64 12.37 -12.27 21.25
N MET A 65 13.26 -11.27 21.26
CA MET A 65 13.05 -10.13 22.15
C MET A 65 11.77 -9.40 21.77
N GLY A 66 11.51 -9.25 20.47
CA GLY A 66 10.29 -8.60 20.05
C GLY A 66 9.04 -9.32 20.54
N THR A 67 9.04 -10.66 20.43
CA THR A 67 7.90 -11.43 20.91
C THR A 67 7.72 -11.27 22.42
N VAL A 68 8.81 -11.35 23.18
CA VAL A 68 8.69 -11.21 24.62
C VAL A 68 8.13 -9.84 24.98
N MET A 69 8.63 -8.79 24.34
CA MET A 69 8.13 -7.44 24.65
C MET A 69 6.68 -7.27 24.22
N SER A 70 6.29 -7.87 23.09
CA SER A 70 4.90 -7.77 22.66
C SER A 70 3.98 -8.40 23.69
N VAL A 71 4.33 -9.59 24.17
CA VAL A 71 3.50 -10.20 25.20
C VAL A 71 3.55 -9.38 26.48
N ALA A 72 4.65 -8.68 26.74
CA ALA A 72 4.70 -7.80 27.92
C ALA A 72 3.67 -6.68 27.81
N HIS A 73 3.59 -6.04 26.65
CA HIS A 73 2.59 -4.99 26.44
C HIS A 73 1.17 -5.54 26.59
N GLY A 74 0.92 -6.68 25.95
CA GLY A 74 -0.39 -7.29 26.06
C GLY A 74 -0.77 -7.61 27.49
N ALA A 75 0.19 -8.06 28.29
CA ALA A 75 -0.09 -8.38 29.68
C ALA A 75 -0.32 -7.11 30.49
N VAL A 76 0.45 -6.05 30.23
CA VAL A 76 0.34 -4.87 31.08
C VAL A 76 -1.01 -4.21 30.91
N LEU A 77 -1.59 -4.22 29.71
CA LEU A 77 -2.86 -3.51 29.55
C LEU A 77 -3.94 -3.98 30.54
N PRO A 78 -4.25 -5.26 30.65
CA PRO A 78 -5.25 -5.68 31.63
C PRO A 78 -4.88 -5.36 33.07
N LEU A 79 -3.59 -5.33 33.40
CA LEU A 79 -3.20 -4.89 34.74
C LEU A 79 -3.52 -3.41 34.93
N MET A 80 -3.35 -2.61 33.88
CA MET A 80 -3.88 -1.26 33.89
C MET A 80 -5.35 -1.28 34.29
N CYS A 81 -6.14 -2.17 33.67
CA CYS A 81 -7.56 -2.23 34.00
C CYS A 81 -7.77 -2.58 35.48
N ILE A 82 -7.01 -3.56 35.99
CA ILE A 82 -7.21 -4.02 37.36
C ILE A 82 -6.89 -2.91 38.35
N VAL A 83 -5.78 -2.18 38.11
CA VAL A 83 -5.47 -1.08 39.01
C VAL A 83 -6.53 0.00 38.92
N PHE A 84 -7.12 0.19 37.74
CA PHE A 84 -8.23 1.14 37.63
C PHE A 84 -9.38 0.72 38.55
N GLY A 85 -9.71 -0.56 38.52
CA GLY A 85 -10.77 -1.06 39.40
C GLY A 85 -10.44 -0.87 40.87
N ASP A 86 -9.19 -1.13 41.25
CA ASP A 86 -8.78 -0.95 42.63
C ASP A 86 -8.84 0.53 43.05
N MET A 87 -8.49 1.43 42.13
CA MET A 87 -8.66 2.85 42.41
C MET A 87 -10.13 3.16 42.66
N THR A 88 -11.02 2.58 41.84
CA THR A 88 -12.45 2.76 42.08
C THR A 88 -12.83 2.29 43.47
N ASP A 89 -12.35 1.11 43.88
CA ASP A 89 -12.69 0.57 45.19
C ASP A 89 -12.21 1.49 46.30
N SER A 90 -10.99 2.00 46.19
CA SER A 90 -10.47 2.88 47.22
C SER A 90 -11.28 4.16 47.30
N PHE A 91 -11.66 4.71 46.15
CA PHE A 91 -12.49 5.92 46.14
C PHE A 91 -13.81 5.66 46.86
N ILE A 92 -14.50 4.58 46.50
CA ILE A 92 -15.80 4.32 47.11
C ILE A 92 -15.64 4.10 48.60
N LYS A 93 -14.58 3.41 49.02
CA LYS A 93 -14.37 3.20 50.44
C LYS A 93 -14.18 4.52 51.16
N ASP A 94 -13.33 5.40 50.63
CA ASP A 94 -13.13 6.69 51.26
C ASP A 94 -14.38 7.56 51.21
N SER A 95 -15.32 7.23 50.33
CA SER A 95 -16.53 8.03 50.20
C SER A 95 -17.22 8.22 51.55
N MET A 96 -17.21 7.19 52.39
CA MET A 96 -17.77 7.30 53.72
C MET A 96 -16.73 7.80 54.71
N THR A 118 -6.92 8.25 55.33
CA THR A 118 -7.54 7.00 54.90
C THR A 118 -7.20 6.69 53.45
N LEU A 119 -6.83 7.73 52.69
CA LEU A 119 -6.52 7.59 51.28
C LEU A 119 -5.08 7.92 50.92
N GLN A 120 -4.39 8.74 51.71
CA GLN A 120 -3.06 9.21 51.31
C GLN A 120 -2.15 8.03 50.98
N GLU A 121 -2.04 7.07 51.88
CA GLU A 121 -1.13 5.95 51.65
C GLU A 121 -1.56 5.15 50.43
N ASP A 122 -2.84 4.77 50.37
CA ASP A 122 -3.31 3.96 49.24
C ASP A 122 -3.34 4.77 47.95
N MET A 123 -3.66 6.06 48.03
CA MET A 123 -3.60 6.91 46.85
C MET A 123 -2.18 6.94 46.28
N GLN A 124 -1.19 7.16 47.14
CA GLN A 124 0.20 7.16 46.70
C GLN A 124 0.59 5.81 46.12
N SER A 125 0.17 4.72 46.77
CA SER A 125 0.50 3.40 46.26
C SER A 125 -0.06 3.18 44.86
N PHE A 126 -1.33 3.55 44.66
CA PHE A 126 -1.95 3.40 43.35
C PHE A 126 -1.28 4.29 42.32
N ALA A 127 -0.91 5.52 42.71
CA ALA A 127 -0.25 6.41 41.78
C ALA A 127 1.12 5.88 41.36
N ILE A 128 1.88 5.34 42.30
CA ILE A 128 3.18 4.77 41.95
C ILE A 128 3.02 3.52 41.10
N TYR A 129 1.98 2.73 41.37
CA TYR A 129 1.67 1.61 40.48
C TYR A 129 1.37 2.11 39.08
N TYR A 130 0.59 3.19 38.98
CA TYR A 130 0.27 3.77 37.68
C TYR A 130 1.55 4.21 36.97
N SER A 131 2.45 4.85 37.71
CA SER A 131 3.68 5.35 37.12
C SER A 131 4.56 4.21 36.62
N ILE A 132 4.69 3.15 37.41
CA ILE A 132 5.50 2.02 36.96
C ILE A 132 4.86 1.37 35.75
N MET A 133 3.54 1.27 35.72
CA MET A 133 2.87 0.75 34.54
C MET A 133 3.16 1.62 33.33
N GLY A 134 3.13 2.94 33.51
CA GLY A 134 3.46 3.83 32.40
C GLY A 134 4.87 3.67 31.89
N PHE A 135 5.83 3.60 32.81
CA PHE A 135 7.22 3.41 32.41
C PHE A 135 7.42 2.08 31.70
N VAL A 136 6.81 1.01 32.23
CA VAL A 136 6.91 -0.28 31.59
C VAL A 136 6.31 -0.23 30.20
N VAL A 137 5.17 0.46 30.06
CA VAL A 137 4.55 0.57 28.75
C VAL A 137 5.48 1.30 27.79
N LEU A 138 6.06 2.41 28.23
CA LEU A 138 6.95 3.18 27.36
C LEU A 138 8.12 2.33 26.88
N VAL A 139 8.83 1.71 27.83
CA VAL A 139 10.01 0.95 27.46
C VAL A 139 9.61 -0.24 26.58
N ALA A 140 8.56 -0.95 26.95
CA ALA A 140 8.15 -2.12 26.19
C ALA A 140 7.75 -1.75 24.77
N ALA A 141 6.95 -0.69 24.62
CA ALA A 141 6.53 -0.27 23.29
C ALA A 141 7.72 0.13 22.45
N TYR A 142 8.61 0.96 23.01
CA TYR A 142 9.78 1.40 22.26
C TYR A 142 10.59 0.21 21.79
N MET A 143 10.93 -0.70 22.70
CA MET A 143 11.78 -1.82 22.32
C MET A 143 11.06 -2.77 21.36
N GLN A 144 9.77 -3.03 21.58
CA GLN A 144 9.03 -3.92 20.70
C GLN A 144 9.04 -3.40 19.27
N VAL A 145 8.64 -2.15 19.10
CA VAL A 145 8.55 -1.59 17.76
C VAL A 145 9.93 -1.50 17.13
N SER A 146 10.93 -1.04 17.89
CA SER A 146 12.25 -0.87 17.32
C SER A 146 12.83 -2.20 16.86
N PHE A 147 12.76 -3.22 17.72
CA PHE A 147 13.31 -4.52 17.37
C PHE A 147 12.58 -5.13 16.19
N TRP A 148 11.24 -5.05 16.17
CA TRP A 148 10.52 -5.63 15.05
C TRP A 148 10.85 -4.92 13.75
N ALA A 149 10.97 -3.59 13.80
CA ALA A 149 11.31 -2.84 12.59
C ALA A 149 12.71 -3.18 12.11
N LEU A 150 13.68 -3.31 13.03
CA LEU A 150 15.04 -3.64 12.61
C LEU A 150 15.10 -5.05 12.03
N ALA A 151 14.37 -5.99 12.63
CA ALA A 151 14.29 -7.33 12.06
C ALA A 151 13.68 -7.29 10.66
N ALA A 152 12.61 -6.52 10.49
CA ALA A 152 12.00 -6.40 9.18
C ALA A 152 12.97 -5.81 8.17
N GLY A 153 13.73 -4.80 8.58
CA GLY A 153 14.68 -4.18 7.68
C GLY A 153 15.78 -5.13 7.26
N ARG A 154 16.36 -5.87 8.21
CA ARG A 154 17.39 -6.83 7.87
C ARG A 154 16.83 -7.92 6.95
N GLN A 155 15.63 -8.41 7.28
CA GLN A 155 15.00 -9.43 6.44
C GLN A 155 14.75 -8.90 5.04
N VAL A 156 14.34 -7.63 4.92
CA VAL A 156 14.04 -7.06 3.61
C VAL A 156 15.31 -6.85 2.81
N ARG A 157 16.39 -6.43 3.46
CA ARG A 157 17.67 -6.32 2.77
C ARG A 157 18.11 -7.67 2.22
N ARG A 158 18.03 -8.71 3.07
CA ARG A 158 18.39 -10.04 2.60
C ARG A 158 17.45 -10.49 1.48
N ILE A 159 16.16 -10.19 1.59
CA ILE A 159 15.20 -10.59 0.59
C ILE A 159 15.52 -9.95 -0.74
N ARG A 160 15.81 -8.65 -0.73
CA ARG A 160 16.14 -7.95 -1.97
C ARG A 160 17.43 -8.50 -2.58
N LYS A 161 18.45 -8.72 -1.76
CA LYS A 161 19.70 -9.24 -2.29
C LYS A 161 19.50 -10.60 -2.92
N LEU A 162 18.80 -11.50 -2.22
CA LEU A 162 18.62 -12.86 -2.73
C LEU A 162 17.69 -12.87 -3.93
N PHE A 163 16.67 -12.02 -3.92
CA PHE A 163 15.77 -11.93 -5.07
C PHE A 163 16.50 -11.46 -6.31
N PHE A 164 17.39 -10.48 -6.16
CA PHE A 164 18.24 -10.09 -7.29
C PHE A 164 19.15 -11.23 -7.72
N HIS A 165 19.90 -11.79 -6.78
CA HIS A 165 20.90 -12.78 -7.15
C HIS A 165 20.26 -14.05 -7.70
N ARG A 166 18.96 -14.24 -7.48
CA ARG A 166 18.27 -15.34 -8.11
C ARG A 166 17.69 -14.93 -9.46
N ILE A 167 17.22 -13.69 -9.57
CA ILE A 167 16.70 -13.21 -10.85
C ILE A 167 17.80 -13.28 -11.92
N MET A 168 18.97 -12.72 -11.61
CA MET A 168 20.07 -12.78 -12.56
C MET A 168 20.47 -14.22 -12.86
N GLN A 169 20.36 -15.11 -11.87
CA GLN A 169 20.68 -16.50 -12.10
C GLN A 169 19.68 -17.19 -13.01
N GLN A 170 18.45 -16.69 -13.07
CA GLN A 170 17.49 -17.21 -14.05
C GLN A 170 17.97 -16.88 -15.46
N ASP A 171 17.58 -17.70 -16.41
CA ASP A 171 17.95 -17.45 -17.80
C ASP A 171 17.07 -16.36 -18.38
N ILE A 172 17.21 -16.13 -19.68
CA ILE A 172 16.37 -15.16 -20.37
C ILE A 172 14.93 -15.66 -20.43
N GLY A 173 14.75 -16.96 -20.65
CA GLY A 173 13.40 -17.50 -20.76
C GLY A 173 12.56 -17.21 -19.54
N TRP A 174 13.16 -17.34 -18.35
CA TRP A 174 12.44 -17.01 -17.13
C TRP A 174 11.96 -15.56 -17.16
N PHE A 175 12.80 -14.66 -17.65
CA PHE A 175 12.38 -13.28 -17.79
C PHE A 175 11.21 -13.15 -18.77
N ASP A 176 11.31 -13.81 -19.92
CA ASP A 176 10.25 -13.67 -20.91
C ASP A 176 8.92 -14.21 -20.39
N VAL A 177 8.96 -15.22 -19.53
CA VAL A 177 7.71 -15.71 -18.95
C VAL A 177 7.09 -14.68 -18.04
N ASN A 178 7.90 -14.03 -17.19
CA ASN A 178 7.44 -13.00 -16.28
C ASN A 178 7.75 -11.63 -16.87
N GLU A 179 6.72 -10.94 -17.33
CA GLU A 179 6.93 -9.67 -18.03
C GLU A 179 7.60 -8.66 -17.11
N THR A 180 8.40 -7.78 -17.71
CA THR A 180 9.19 -6.83 -16.91
C THR A 180 8.30 -6.05 -15.95
N GLY A 181 7.08 -5.72 -16.38
CA GLY A 181 6.18 -5.00 -15.49
C GLY A 181 5.84 -5.81 -14.26
N GLU A 182 5.53 -7.09 -14.43
CA GLU A 182 5.17 -7.93 -13.29
C GLU A 182 6.33 -8.08 -12.31
N LEU A 183 7.53 -8.29 -12.83
CA LEU A 183 8.69 -8.41 -11.96
C LEU A 183 8.99 -7.10 -11.25
N ASN A 184 8.86 -5.98 -11.95
CA ASN A 184 9.13 -4.69 -11.32
C ASN A 184 8.13 -4.40 -10.22
N THR A 185 6.84 -4.64 -10.48
CA THR A 185 5.84 -4.41 -9.44
C THR A 185 6.04 -5.37 -8.29
N ARG A 186 6.47 -6.60 -8.56
CA ARG A 186 6.88 -7.46 -7.46
C ARG A 186 7.96 -6.76 -6.63
N LEU A 187 9.10 -6.49 -7.26
CA LEU A 187 10.27 -6.00 -6.54
C LEU A 187 9.96 -4.75 -5.74
N THR A 188 9.02 -3.93 -6.19
CA THR A 188 8.70 -2.73 -5.41
C THR A 188 7.54 -2.97 -4.43
N ASP A 189 6.35 -3.26 -4.95
CA ASP A 189 5.17 -3.29 -4.11
C ASP A 189 5.19 -4.49 -3.18
N ASP A 190 5.49 -5.68 -3.70
CA ASP A 190 5.40 -6.87 -2.87
C ASP A 190 6.49 -6.88 -1.81
N VAL A 191 7.66 -6.34 -2.13
CA VAL A 191 8.72 -6.22 -1.13
C VAL A 191 8.32 -5.23 -0.05
N TYR A 192 7.72 -4.10 -0.45
CA TYR A 192 7.21 -3.17 0.54
C TYR A 192 6.15 -3.85 1.41
N LYS A 193 5.29 -4.66 0.81
CA LYS A 193 4.23 -5.31 1.58
C LYS A 193 4.81 -6.33 2.56
N ILE A 194 5.83 -7.07 2.14
CA ILE A 194 6.51 -7.98 3.06
C ILE A 194 7.06 -7.19 4.24
N GLN A 195 7.79 -6.11 3.93
CA GLN A 195 8.37 -5.29 5.00
C GLN A 195 7.29 -4.84 5.97
N GLU A 196 6.23 -4.23 5.45
CA GLU A 196 5.20 -3.67 6.32
C GLU A 196 4.54 -4.78 7.12
N GLY A 197 3.97 -5.77 6.43
CA GLY A 197 3.37 -6.87 7.14
C GLY A 197 4.23 -7.34 8.30
N ILE A 198 5.41 -7.89 7.99
CA ILE A 198 6.22 -8.45 9.06
C ILE A 198 6.42 -7.42 10.16
N GLY A 199 7.16 -6.36 9.85
CA GLY A 199 7.66 -5.50 10.90
C GLY A 199 6.54 -4.83 11.69
N ASP A 200 5.63 -4.15 11.00
CA ASP A 200 4.60 -3.42 11.71
C ASP A 200 3.65 -4.37 12.43
N LYS A 201 3.13 -5.38 11.72
CA LYS A 201 1.92 -6.03 12.16
C LYS A 201 2.13 -7.29 12.98
N VAL A 202 3.26 -8.00 12.83
CA VAL A 202 3.43 -9.23 13.61
C VAL A 202 3.39 -8.92 15.10
N GLY A 203 4.11 -7.86 15.51
CA GLY A 203 4.18 -7.53 16.92
C GLY A 203 2.82 -7.15 17.49
N MET A 204 2.08 -6.32 16.76
CA MET A 204 0.77 -5.90 17.25
C MET A 204 -0.20 -7.08 17.29
N LEU A 205 -0.11 -7.98 16.33
CA LEU A 205 -0.94 -9.19 16.34
C LEU A 205 -0.66 -10.02 17.58
N ILE A 206 0.62 -10.24 17.89
CA ILE A 206 0.97 -11.02 19.07
C ILE A 206 0.53 -10.31 20.33
N GLN A 207 0.69 -8.98 20.36
CA GLN A 207 0.23 -8.22 21.51
C GLN A 207 -1.27 -8.41 21.73
N ALA A 208 -2.05 -8.33 20.67
CA ALA A 208 -3.49 -8.46 20.81
C ALA A 208 -3.87 -9.86 21.26
N PHE A 209 -3.23 -10.89 20.71
CA PHE A 209 -3.52 -12.24 21.16
C PHE A 209 -3.19 -12.40 22.65
N SER A 210 -2.05 -11.87 23.08
CA SER A 210 -1.70 -11.95 24.49
C SER A 210 -2.71 -11.19 25.33
N THR A 211 -3.17 -10.04 24.85
CA THR A 211 -4.15 -9.26 25.61
C THR A 211 -5.46 -10.03 25.76
N PHE A 212 -5.90 -10.70 24.71
CA PHE A 212 -7.12 -11.50 24.82
C PHE A 212 -6.93 -12.65 25.80
N ILE A 213 -5.78 -13.31 25.74
CA ILE A 213 -5.52 -14.41 26.66
C ILE A 213 -5.54 -13.90 28.10
N THR A 214 -4.86 -12.77 28.34
CA THR A 214 -4.82 -12.19 29.67
C THR A 214 -6.21 -11.79 30.15
N SER A 215 -7.01 -11.23 29.24
CA SER A 215 -8.37 -10.85 29.60
C SER A 215 -9.18 -12.08 29.99
N PHE A 216 -9.06 -13.17 29.22
CA PHE A 216 -9.83 -14.36 29.56
C PHE A 216 -9.37 -14.97 30.88
N ILE A 217 -8.06 -14.99 31.14
CA ILE A 217 -7.61 -15.57 32.40
C ILE A 217 -8.09 -14.72 33.57
N ILE A 218 -8.04 -13.39 33.43
CA ILE A 218 -8.55 -12.54 34.49
C ILE A 218 -10.05 -12.74 34.67
N GLY A 219 -10.80 -12.85 33.58
CA GLY A 219 -12.23 -13.07 33.68
C GLY A 219 -12.54 -14.39 34.34
N PHE A 220 -11.73 -15.41 34.08
CA PHE A 220 -11.97 -16.71 34.69
C PHE A 220 -11.62 -16.70 36.18
N VAL A 221 -10.47 -16.14 36.52
CA VAL A 221 -10.04 -16.17 37.92
C VAL A 221 -10.96 -15.31 38.78
N LYS A 222 -11.26 -14.10 38.31
CA LYS A 222 -12.14 -13.22 39.08
C LYS A 222 -13.61 -13.53 38.88
N GLY A 223 -13.98 -14.11 37.75
CA GLY A 223 -15.39 -14.35 37.44
C GLY A 223 -15.66 -15.75 36.97
N TRP A 224 -16.40 -16.50 37.77
CA TRP A 224 -16.89 -17.81 37.39
C TRP A 224 -17.97 -17.71 36.33
N LYS A 225 -18.92 -16.78 36.51
CA LYS A 225 -20.04 -16.60 35.60
C LYS A 225 -20.12 -15.20 35.02
N LEU A 226 -19.30 -14.25 35.49
CA LEU A 226 -19.40 -12.88 34.97
C LEU A 226 -19.12 -12.81 33.47
N THR A 227 -18.23 -13.67 32.96
CA THR A 227 -18.05 -13.73 31.52
C THR A 227 -19.21 -14.41 30.82
N LEU A 228 -20.11 -15.08 31.56
CA LEU A 228 -21.19 -15.80 30.90
C LEU A 228 -22.26 -14.85 30.38
N VAL A 229 -22.57 -13.78 31.11
CA VAL A 229 -23.53 -12.81 30.60
C VAL A 229 -22.97 -12.12 29.35
N ILE A 230 -21.67 -11.84 29.35
CA ILE A 230 -21.05 -11.27 28.15
C ILE A 230 -21.10 -12.28 27.01
N LEU A 231 -20.84 -13.56 27.31
CA LEU A 231 -20.98 -14.61 26.32
C LEU A 231 -22.41 -14.67 25.79
N ALA A 232 -23.38 -14.27 26.61
CA ALA A 232 -24.78 -14.29 26.20
C ALA A 232 -25.12 -13.12 25.29
N VAL A 233 -24.51 -11.96 25.55
CA VAL A 233 -24.68 -10.84 24.63
C VAL A 233 -23.99 -11.15 23.30
N SER A 234 -22.95 -11.98 23.35
CA SER A 234 -22.24 -12.32 22.12
C SER A 234 -23.19 -12.85 21.04
N PRO A 235 -24.06 -13.82 21.33
CA PRO A 235 -25.05 -14.20 20.32
C PRO A 235 -26.12 -13.14 20.12
N ALA A 236 -26.37 -12.31 21.13
CA ALA A 236 -27.29 -11.20 20.95
C ALA A 236 -26.86 -10.27 19.87
N LEU A 237 -25.59 -9.91 19.79
CA LEU A 237 -25.08 -9.24 18.60
C LEU A 237 -25.00 -10.18 17.42
N GLY A 238 -24.77 -11.47 17.67
CA GLY A 238 -24.83 -12.44 16.59
C GLY A 238 -26.19 -12.49 15.92
N ILE A 239 -27.25 -12.54 16.72
CA ILE A 239 -28.60 -12.48 16.18
C ILE A 239 -29.04 -11.05 15.93
N SER A 240 -28.50 -10.08 16.66
CA SER A 240 -28.65 -8.69 16.29
C SER A 240 -27.79 -8.34 15.09
N ALA A 241 -26.97 -9.28 14.63
CA ALA A 241 -26.40 -9.26 13.29
C ALA A 241 -27.25 -10.07 12.32
N ALA A 242 -28.43 -10.52 12.75
CA ALA A 242 -29.36 -11.26 11.91
C ALA A 242 -30.62 -10.43 11.69
N ILE A 243 -31.18 -9.89 12.78
CA ILE A 243 -32.18 -8.85 12.63
C ILE A 243 -31.60 -7.71 11.80
N PHE A 244 -30.36 -7.34 12.12
CA PHE A 244 -29.54 -6.48 11.27
C PHE A 244 -29.42 -7.09 9.88
N GLY A 245 -29.03 -8.36 9.81
CA GLY A 245 -28.67 -8.95 8.54
C GLY A 245 -29.81 -9.00 7.54
N LYS A 246 -30.96 -9.52 7.97
CA LYS A 246 -32.07 -9.69 7.03
C LYS A 246 -32.47 -8.36 6.41
N VAL A 247 -32.89 -7.41 7.25
CA VAL A 247 -33.30 -6.10 6.77
C VAL A 247 -32.22 -5.49 5.90
N LEU A 248 -30.99 -5.40 6.45
CA LEU A 248 -29.90 -4.75 5.74
C LEU A 248 -29.74 -5.34 4.36
N THR A 249 -29.47 -6.65 4.29
CA THR A 249 -29.14 -7.27 3.01
C THR A 249 -30.26 -7.10 2.01
N ASN A 250 -31.49 -7.47 2.38
CA ASN A 250 -32.54 -7.45 1.37
C ASN A 250 -32.81 -6.03 0.88
N PHE A 251 -32.90 -5.07 1.79
CA PHE A 251 -33.31 -3.73 1.37
C PHE A 251 -32.16 -2.99 0.70
N THR A 252 -30.91 -3.32 1.05
CA THR A 252 -29.78 -2.78 0.29
C THR A 252 -29.73 -3.34 -1.12
N ALA A 253 -30.02 -4.63 -1.29
CA ALA A 253 -30.14 -5.16 -2.64
C ALA A 253 -31.20 -4.39 -3.42
N LYS A 254 -32.35 -4.17 -2.78
CA LYS A 254 -33.43 -3.42 -3.42
C LYS A 254 -32.95 -2.04 -3.85
N GLU A 255 -32.26 -1.33 -2.94
CA GLU A 255 -31.82 0.04 -3.23
C GLU A 255 -30.78 0.10 -4.34
N GLN A 256 -29.81 -0.82 -4.31
CA GLN A 256 -28.78 -0.84 -5.34
C GLN A 256 -29.41 -1.14 -6.70
N THR A 257 -30.41 -2.03 -6.72
CA THR A 257 -31.17 -2.21 -7.95
C THR A 257 -31.90 -0.93 -8.34
N ALA A 258 -32.43 -0.21 -7.36
CA ALA A 258 -33.25 0.97 -7.63
C ALA A 258 -32.46 2.08 -8.33
N TYR A 259 -31.27 2.40 -7.85
CA TYR A 259 -30.56 3.55 -8.44
C TYR A 259 -30.33 3.33 -9.94
N ALA A 260 -30.31 2.07 -10.39
CA ALA A 260 -30.01 1.78 -11.77
C ALA A 260 -30.92 2.54 -12.73
N LYS A 261 -32.15 2.85 -12.30
CA LYS A 261 -33.05 3.62 -13.14
C LYS A 261 -32.41 4.94 -13.56
N ALA A 262 -32.12 5.81 -12.59
CA ALA A 262 -31.52 7.09 -12.90
C ALA A 262 -30.18 6.91 -13.58
N GLY A 263 -29.38 5.95 -13.10
CA GLY A 263 -28.10 5.70 -13.74
C GLY A 263 -28.23 5.49 -15.24
N ALA A 264 -29.13 4.59 -15.65
CA ALA A 264 -29.25 4.24 -17.06
C ALA A 264 -29.91 5.35 -17.86
N VAL A 265 -30.93 6.01 -17.29
CA VAL A 265 -31.57 7.10 -18.02
C VAL A 265 -30.57 8.19 -18.32
N ALA A 266 -29.75 8.54 -17.32
CA ALA A 266 -28.69 9.52 -17.57
C ALA A 266 -27.69 8.98 -18.58
N GLU A 267 -27.33 7.70 -18.48
CA GLU A 267 -26.28 7.16 -19.33
C GLU A 267 -26.66 7.28 -20.80
N GLU A 268 -27.86 6.85 -21.17
CA GLU A 268 -28.21 6.82 -22.59
C GLU A 268 -28.23 8.23 -23.16
N VAL A 269 -28.88 9.16 -22.47
CA VAL A 269 -29.06 10.50 -23.01
C VAL A 269 -27.73 11.26 -23.03
N LEU A 270 -26.87 11.05 -22.03
CA LEU A 270 -25.55 11.67 -22.02
C LEU A 270 -24.56 10.94 -22.91
N SER A 271 -24.96 9.81 -23.48
CA SER A 271 -24.22 9.22 -24.59
C SER A 271 -24.69 9.78 -25.93
N ALA A 272 -25.98 10.09 -26.06
CA ALA A 272 -26.47 10.68 -27.31
C ALA A 272 -26.02 12.14 -27.44
N ILE A 273 -26.35 12.97 -26.45
CA ILE A 273 -25.94 14.37 -26.42
C ILE A 273 -26.26 15.06 -27.74
N ARG A 274 -27.55 15.28 -28.00
CA ARG A 274 -28.08 16.06 -29.11
C ARG A 274 -27.99 15.28 -30.42
N THR A 275 -27.37 14.09 -30.42
CA THR A 275 -27.22 13.35 -31.66
C THR A 275 -28.56 12.93 -32.23
N VAL A 276 -29.58 12.83 -31.37
CA VAL A 276 -30.91 12.39 -31.78
C VAL A 276 -31.81 13.60 -31.95
N PHE A 277 -31.22 14.76 -32.20
CA PHE A 277 -31.93 16.03 -32.13
C PHE A 277 -32.35 16.27 -30.68
N ALA A 278 -31.49 15.81 -29.76
CA ALA A 278 -31.88 15.66 -28.36
C ALA A 278 -32.22 16.98 -27.69
N PHE A 279 -32.11 18.11 -28.37
CA PHE A 279 -32.70 19.31 -27.80
C PHE A 279 -34.21 19.17 -27.73
N SER A 280 -34.81 18.50 -28.72
CA SER A 280 -36.21 18.13 -28.62
C SER A 280 -36.46 17.32 -27.35
N GLY A 281 -35.44 16.58 -26.89
CA GLY A 281 -35.57 15.77 -25.70
C GLY A 281 -35.16 16.46 -24.43
N GLN A 282 -34.97 17.79 -24.49
CA GLN A 282 -34.74 18.53 -23.25
C GLN A 282 -35.90 18.38 -22.29
N ASP A 283 -37.13 18.52 -22.79
CA ASP A 283 -38.30 18.32 -21.94
C ASP A 283 -38.41 16.84 -21.55
N ARG A 284 -38.18 15.95 -22.51
CA ARG A 284 -38.27 14.52 -22.23
C ARG A 284 -37.44 14.15 -21.00
N GLU A 285 -36.13 14.33 -21.06
CA GLU A 285 -35.33 14.08 -19.86
C GLU A 285 -35.82 14.86 -18.65
N ILE A 286 -36.28 16.10 -18.82
CA ILE A 286 -36.77 16.80 -17.65
C ILE A 286 -37.87 15.99 -16.97
N LYS A 287 -38.83 15.50 -17.76
CA LYS A 287 -39.86 14.64 -17.20
C LYS A 287 -39.25 13.44 -16.50
N ARG A 288 -38.18 12.86 -17.08
CA ARG A 288 -37.50 11.75 -16.43
C ARG A 288 -37.09 12.13 -15.01
N TYR A 289 -36.39 13.26 -14.88
CA TYR A 289 -35.99 13.73 -13.56
C TYR A 289 -37.19 14.10 -12.71
N HIS A 290 -38.31 14.45 -13.33
CA HIS A 290 -39.53 14.66 -12.56
C HIS A 290 -40.03 13.34 -11.97
N LYS A 291 -39.85 12.24 -12.70
CA LYS A 291 -40.28 10.93 -12.22
C LYS A 291 -39.13 10.09 -11.70
N ASN A 292 -38.15 9.77 -12.56
CA ASN A 292 -37.13 8.80 -12.18
C ASN A 292 -36.37 9.25 -10.95
N LEU A 293 -35.82 10.47 -10.98
CA LEU A 293 -35.18 11.00 -9.79
C LEU A 293 -36.10 10.91 -8.59
N GLU A 294 -37.35 11.36 -8.73
CA GLU A 294 -38.27 11.31 -7.59
C GLU A 294 -38.39 9.90 -7.06
N ASP A 295 -38.41 8.91 -7.97
CA ASP A 295 -38.42 7.53 -7.52
C ASP A 295 -37.15 7.20 -6.74
N ALA A 296 -35.99 7.48 -7.35
CA ALA A 296 -34.72 7.08 -6.74
C ALA A 296 -34.62 7.60 -5.33
N LYS A 297 -34.83 8.91 -5.13
CA LYS A 297 -34.70 9.46 -3.79
C LYS A 297 -35.54 8.69 -2.79
N ASN A 298 -36.78 8.35 -3.16
CA ASN A 298 -37.60 7.53 -2.28
C ASN A 298 -36.82 6.30 -1.83
N MET A 299 -36.44 5.45 -2.78
CA MET A 299 -35.60 4.31 -2.42
C MET A 299 -34.41 4.79 -1.61
N GLY A 300 -33.74 5.83 -2.10
CA GLY A 300 -32.63 6.40 -1.35
C GLY A 300 -32.96 6.58 0.12
N ILE A 301 -34.02 7.33 0.43
CA ILE A 301 -34.29 7.64 1.82
C ILE A 301 -34.51 6.34 2.59
N LYS A 302 -35.23 5.38 1.99
CA LYS A 302 -35.40 4.10 2.66
C LYS A 302 -34.04 3.54 3.06
N LYS A 303 -33.11 3.45 2.11
CA LYS A 303 -31.81 2.89 2.44
C LYS A 303 -31.23 3.56 3.68
N ALA A 304 -31.26 4.90 3.71
CA ALA A 304 -30.68 5.59 4.85
C ALA A 304 -31.33 5.11 6.14
N ILE A 305 -32.66 5.18 6.20
CA ILE A 305 -33.34 4.73 7.40
C ILE A 305 -32.94 3.30 7.70
N SER A 306 -32.99 2.44 6.67
CA SER A 306 -32.56 1.07 6.87
C SER A 306 -31.19 1.03 7.51
N ALA A 307 -30.20 1.62 6.86
CA ALA A 307 -28.86 1.61 7.45
C ALA A 307 -28.92 2.08 8.90
N ASN A 308 -29.56 3.23 9.13
CA ASN A 308 -29.58 3.78 10.48
C ASN A 308 -30.17 2.78 11.46
N ILE A 309 -31.32 2.18 11.13
CA ILE A 309 -31.94 1.31 12.12
C ILE A 309 -30.95 0.23 12.52
N ALA A 310 -30.24 -0.34 11.55
CA ALA A 310 -29.23 -1.34 11.87
C ALA A 310 -28.33 -0.82 12.99
N MET A 311 -27.61 0.28 12.72
CA MET A 311 -26.76 0.84 13.76
C MET A 311 -27.57 1.10 15.02
N GLY A 312 -28.73 1.75 14.88
CA GLY A 312 -29.58 1.94 16.04
C GLY A 312 -29.77 0.65 16.81
N PHE A 313 -30.25 -0.39 16.13
CA PHE A 313 -30.46 -1.66 16.81
C PHE A 313 -29.20 -2.08 17.54
N THR A 314 -28.06 -2.07 16.84
CA THR A 314 -26.80 -2.42 17.48
C THR A 314 -26.67 -1.70 18.81
N PHE A 315 -26.71 -0.37 18.78
CA PHE A 315 -26.64 0.41 20.00
C PHE A 315 -27.49 -0.21 21.09
N LEU A 316 -28.79 -0.33 20.85
CA LEU A 316 -29.69 -0.89 21.86
C LEU A 316 -29.05 -2.11 22.50
N MET A 317 -28.78 -3.13 21.70
CA MET A 317 -28.30 -4.39 22.25
C MET A 317 -27.06 -4.15 23.11
N ILE A 318 -26.06 -3.47 22.57
CA ILE A 318 -24.85 -3.28 23.35
C ILE A 318 -25.21 -2.56 24.64
N TYR A 319 -25.93 -1.44 24.54
CA TYR A 319 -26.39 -0.77 25.75
C TYR A 319 -27.20 -1.73 26.60
N LEU A 320 -28.17 -2.40 25.99
CA LEU A 320 -28.94 -3.39 26.72
C LEU A 320 -28.00 -4.36 27.42
N SER A 321 -27.05 -4.93 26.69
CA SER A 321 -26.13 -5.87 27.32
C SER A 321 -25.48 -5.24 28.53
N TYR A 322 -24.89 -4.05 28.34
CA TYR A 322 -24.31 -3.34 29.46
C TYR A 322 -25.27 -3.38 30.65
N ALA A 323 -26.48 -2.85 30.45
CA ALA A 323 -27.45 -2.81 31.53
C ALA A 323 -27.51 -4.14 32.26
N LEU A 324 -27.85 -5.21 31.53
CA LEU A 324 -28.06 -6.48 32.23
C LEU A 324 -26.83 -6.89 32.99
N ALA A 325 -25.65 -6.78 32.35
CA ALA A 325 -24.44 -7.15 33.06
C ALA A 325 -24.36 -6.40 34.37
N PHE A 326 -24.50 -5.07 34.31
CA PHE A 326 -24.49 -4.28 35.53
C PHE A 326 -25.48 -4.83 36.54
N TRP A 327 -26.73 -5.01 36.10
CA TRP A 327 -27.74 -5.54 37.02
C TRP A 327 -27.25 -6.82 37.67
N TYR A 328 -26.78 -7.77 36.86
CA TYR A 328 -26.37 -9.04 37.43
C TYR A 328 -25.24 -8.83 38.43
N GLY A 329 -24.30 -7.95 38.09
CA GLY A 329 -23.22 -7.66 39.02
C GLY A 329 -23.75 -7.17 40.36
N SER A 330 -24.73 -6.26 40.33
CA SER A 330 -25.31 -5.81 41.59
C SER A 330 -25.85 -6.98 42.38
N ILE A 331 -26.52 -7.91 41.69
CA ILE A 331 -27.10 -9.06 42.38
C ILE A 331 -26.03 -9.81 43.14
N LEU A 332 -24.81 -9.85 42.59
CA LEU A 332 -23.72 -10.50 43.31
C LEU A 332 -23.28 -9.67 44.51
N ILE A 333 -23.10 -8.36 44.30
CA ILE A 333 -22.51 -7.53 45.35
C ILE A 333 -23.43 -7.51 46.56
N MET A 334 -24.73 -7.29 46.32
CA MET A 334 -25.70 -7.42 47.40
C MET A 334 -25.75 -8.85 47.92
N SER A 335 -25.65 -9.83 47.02
CA SER A 335 -25.50 -11.21 47.46
C SER A 335 -24.18 -11.45 48.16
N LYS A 336 -23.21 -10.54 48.00
CA LYS A 336 -21.94 -10.60 48.73
C LYS A 336 -21.08 -11.78 48.29
N GLU A 337 -21.04 -12.06 46.99
CA GLU A 337 -20.05 -12.96 46.42
C GLU A 337 -19.11 -12.24 45.47
N TYR A 338 -19.23 -10.92 45.33
CA TYR A 338 -18.33 -10.15 44.49
C TYR A 338 -18.10 -8.81 45.16
N THR A 339 -17.08 -8.10 44.66
CA THR A 339 -16.82 -6.73 45.05
C THR A 339 -17.08 -5.82 43.85
N ILE A 340 -17.63 -4.64 44.13
CA ILE A 340 -17.97 -3.70 43.06
C ILE A 340 -16.74 -3.44 42.19
N GLY A 341 -15.60 -3.23 42.82
CA GLY A 341 -14.37 -3.09 42.04
C GLY A 341 -14.08 -4.32 41.21
N THR A 342 -14.39 -5.51 41.75
CA THR A 342 -14.15 -6.73 40.99
C THR A 342 -15.01 -6.77 39.73
N VAL A 343 -16.30 -6.44 39.86
CA VAL A 343 -17.16 -6.46 38.68
C VAL A 343 -16.73 -5.38 37.70
N LEU A 344 -16.32 -4.22 38.22
CA LEU A 344 -15.85 -3.16 37.33
C LEU A 344 -14.63 -3.61 36.53
N THR A 345 -13.63 -4.17 37.21
CA THR A 345 -12.41 -4.56 36.52
C THR A 345 -12.67 -5.70 35.56
N VAL A 346 -13.48 -6.69 35.95
CA VAL A 346 -13.73 -7.82 35.06
C VAL A 346 -14.52 -7.37 33.84
N PHE A 347 -15.51 -6.50 34.04
CA PHE A 347 -16.26 -5.98 32.90
C PHE A 347 -15.34 -5.22 31.95
N PHE A 348 -14.48 -4.36 32.50
CA PHE A 348 -13.61 -3.59 31.63
C PHE A 348 -12.60 -4.48 30.92
N VAL A 349 -12.08 -5.51 31.59
CA VAL A 349 -11.09 -6.34 30.94
C VAL A 349 -11.72 -7.17 29.83
N VAL A 350 -12.94 -7.67 30.06
CA VAL A 350 -13.62 -8.40 28.99
C VAL A 350 -13.94 -7.47 27.83
N LEU A 351 -14.35 -6.23 28.13
CA LEU A 351 -14.65 -5.28 27.07
C LEU A 351 -13.40 -4.98 26.24
N ILE A 352 -12.27 -4.73 26.90
CA ILE A 352 -11.06 -4.40 26.16
C ILE A 352 -10.57 -5.62 25.39
N GLY A 353 -10.70 -6.81 25.96
CA GLY A 353 -10.39 -8.01 25.21
C GLY A 353 -11.21 -8.13 23.95
N ALA A 354 -12.51 -7.82 24.04
CA ALA A 354 -13.35 -7.84 22.85
C ALA A 354 -12.88 -6.82 21.82
N PHE A 355 -12.59 -5.59 22.27
CA PHE A 355 -12.14 -4.56 21.34
C PHE A 355 -10.82 -4.95 20.67
N THR A 356 -9.98 -5.72 21.37
CA THR A 356 -8.68 -6.05 20.81
C THR A 356 -8.81 -6.82 19.50
N MET A 357 -9.74 -7.79 19.43
CA MET A 357 -9.91 -8.55 18.20
C MET A 357 -10.36 -7.65 17.04
N GLY A 358 -11.27 -6.72 17.32
CA GLY A 358 -11.67 -5.78 16.30
C GLY A 358 -10.49 -4.97 15.80
N GLN A 359 -9.61 -4.56 16.71
CA GLN A 359 -8.39 -3.88 16.28
C GLN A 359 -7.53 -4.80 15.42
N THR A 360 -7.44 -6.08 15.78
CA THR A 360 -6.57 -6.99 15.06
C THR A 360 -7.03 -7.18 13.62
N SER A 361 -8.33 -7.29 13.39
CA SER A 361 -8.86 -7.65 12.07
C SER A 361 -8.01 -7.10 10.93
N PRO A 362 -7.79 -5.78 10.87
CA PRO A 362 -6.87 -5.27 9.84
C PRO A 362 -5.47 -5.84 9.95
N ASN A 363 -4.99 -6.12 11.17
CA ASN A 363 -3.66 -6.70 11.31
C ASN A 363 -3.59 -8.09 10.70
N ILE A 364 -4.62 -8.91 10.89
CA ILE A 364 -4.62 -10.23 10.25
C ILE A 364 -4.76 -10.09 8.74
N GLN A 365 -5.55 -9.13 8.28
CA GLN A 365 -5.61 -8.89 6.84
C GLN A 365 -4.22 -8.56 6.28
N SER A 366 -3.50 -7.66 6.95
CA SER A 366 -2.15 -7.31 6.51
C SER A 366 -1.23 -8.51 6.56
N PHE A 367 -1.33 -9.32 7.62
CA PHE A 367 -0.49 -10.50 7.73
C PHE A 367 -0.74 -11.47 6.58
N ALA A 368 -2.01 -11.69 6.24
CA ALA A 368 -2.32 -12.59 5.13
C ALA A 368 -1.80 -12.04 3.80
N SER A 369 -1.98 -10.73 3.57
CA SER A 369 -1.49 -10.14 2.34
C SER A 369 0.02 -10.28 2.23
N ALA A 370 0.73 -9.98 3.31
CA ALA A 370 2.18 -10.12 3.31
C ALA A 370 2.57 -11.57 3.09
N ARG A 371 1.82 -12.52 3.65
CA ARG A 371 2.14 -13.92 3.48
C ARG A 371 1.98 -14.34 2.01
N GLY A 372 0.95 -13.85 1.34
CA GLY A 372 0.80 -14.16 -0.07
C GLY A 372 1.93 -13.59 -0.91
N ALA A 373 2.24 -12.31 -0.68
CA ALA A 373 3.38 -11.71 -1.37
C ALA A 373 4.65 -12.51 -1.08
N ALA A 374 4.76 -13.01 0.15
CA ALA A 374 5.92 -13.81 0.53
C ALA A 374 5.96 -15.10 -0.25
N HIS A 375 4.79 -15.73 -0.46
CA HIS A 375 4.77 -16.92 -1.28
C HIS A 375 5.35 -16.61 -2.66
N LYS A 376 4.90 -15.50 -3.26
CA LYS A 376 5.43 -15.15 -4.58
C LYS A 376 6.94 -14.94 -4.53
N VAL A 377 7.42 -14.16 -3.56
CA VAL A 377 8.84 -13.81 -3.51
C VAL A 377 9.70 -15.04 -3.25
N TYR A 378 9.29 -15.87 -2.28
CA TYR A 378 10.07 -17.06 -1.96
C TYR A 378 10.03 -18.07 -3.10
N SER A 379 8.90 -18.17 -3.79
CA SER A 379 8.83 -19.05 -4.95
C SER A 379 9.82 -18.60 -6.02
N ILE A 380 9.87 -17.30 -6.30
CA ILE A 380 10.83 -16.81 -7.29
C ILE A 380 12.25 -16.76 -6.76
N ILE A 381 12.45 -17.00 -5.46
CA ILE A 381 13.79 -17.09 -4.91
C ILE A 381 14.32 -18.52 -4.94
N ASP A 382 13.48 -19.51 -4.72
CA ASP A 382 13.91 -20.90 -4.65
C ASP A 382 13.85 -21.62 -6.00
N ASN A 383 13.50 -20.93 -7.07
CA ASN A 383 13.45 -21.54 -8.39
C ASN A 383 14.87 -21.63 -8.95
N GLN A 384 15.46 -22.81 -8.88
CA GLN A 384 16.81 -22.98 -9.38
C GLN A 384 16.82 -22.82 -10.90
N PRO A 385 17.87 -22.27 -11.49
CA PRO A 385 17.88 -22.04 -12.93
C PRO A 385 18.20 -23.30 -13.72
N CYS A 386 18.05 -23.18 -15.04
CA CYS A 386 18.56 -24.17 -15.99
C CYS A 386 19.99 -23.86 -16.41
N ILE A 387 20.72 -23.11 -15.60
CA ILE A 387 22.09 -22.71 -15.92
C ILE A 387 22.81 -22.34 -14.62
N ASP A 388 24.04 -22.84 -14.47
CA ASP A 388 24.88 -22.52 -13.31
C ASP A 388 25.90 -21.47 -13.76
N SER A 389 25.45 -20.21 -13.75
CA SER A 389 26.23 -19.13 -14.32
C SER A 389 27.44 -18.75 -13.47
N TYR A 390 27.57 -19.30 -12.27
CA TYR A 390 28.62 -18.86 -11.33
C TYR A 390 29.62 -19.95 -11.03
N SER A 391 29.18 -21.16 -10.71
CA SER A 391 30.11 -22.20 -10.32
C SER A 391 31.12 -22.46 -11.43
N ASP A 392 32.16 -23.21 -11.09
CA ASP A 392 33.24 -23.53 -12.02
C ASP A 392 32.97 -24.81 -12.80
N ALA A 393 31.70 -25.15 -13.03
CA ALA A 393 31.37 -26.33 -13.81
C ALA A 393 31.76 -26.13 -15.26
N GLY A 394 32.47 -27.10 -15.82
CA GLY A 394 32.91 -27.05 -17.20
C GLY A 394 34.41 -26.80 -17.31
N PHE A 395 34.90 -26.85 -18.55
CA PHE A 395 36.32 -26.66 -18.78
C PHE A 395 36.66 -25.18 -18.90
N LYS A 396 37.94 -24.87 -18.70
CA LYS A 396 38.47 -23.52 -18.85
C LYS A 396 39.73 -23.61 -19.70
N PRO A 397 39.59 -23.83 -21.01
CA PRO A 397 40.78 -24.10 -21.82
C PRO A 397 41.84 -23.02 -21.74
N ASP A 398 41.46 -21.76 -21.55
CA ASP A 398 42.37 -20.63 -21.48
C ASP A 398 43.02 -20.31 -22.82
N SER A 399 42.77 -21.13 -23.85
CA SER A 399 43.30 -20.86 -25.18
C SER A 399 42.32 -21.47 -26.17
N ILE A 400 41.54 -20.62 -26.84
CA ILE A 400 40.44 -21.06 -27.68
C ILE A 400 40.75 -20.66 -29.12
N LYS A 401 40.61 -21.61 -30.05
CA LYS A 401 40.89 -21.31 -31.45
C LYS A 401 39.91 -20.28 -31.99
N GLY A 402 38.64 -20.37 -31.60
CA GLY A 402 37.62 -19.47 -32.07
C GLY A 402 36.67 -20.06 -33.10
N ASN A 403 36.76 -21.36 -33.38
CA ASN A 403 35.85 -22.01 -34.31
C ASN A 403 34.62 -22.50 -33.54
N ILE A 404 33.44 -22.17 -34.07
CA ILE A 404 32.18 -22.52 -33.41
C ILE A 404 31.35 -23.33 -34.39
N GLU A 405 30.83 -24.47 -33.95
CA GLU A 405 30.02 -25.32 -34.81
C GLU A 405 28.77 -25.75 -34.07
N PHE A 406 27.63 -25.69 -34.76
CA PHE A 406 26.37 -26.18 -34.26
C PHE A 406 25.86 -27.26 -35.20
N ARG A 407 25.53 -28.43 -34.66
CA ARG A 407 25.12 -29.59 -35.46
C ARG A 407 23.88 -30.21 -34.82
N ASN A 408 22.77 -30.20 -35.56
CA ASN A 408 21.55 -30.91 -35.17
C ASN A 408 20.97 -30.37 -33.86
N ILE A 409 20.81 -29.05 -33.81
CA ILE A 409 20.34 -28.38 -32.60
C ILE A 409 18.83 -28.28 -32.61
N HIS A 410 18.22 -28.45 -31.43
CA HIS A 410 16.79 -28.31 -31.25
C HIS A 410 16.53 -27.43 -30.03
N PHE A 411 15.35 -26.82 -30.00
CA PHE A 411 14.95 -26.00 -28.87
C PHE A 411 13.52 -25.54 -29.05
N ASN A 412 12.83 -25.36 -27.92
CA ASN A 412 11.49 -24.83 -27.89
C ASN A 412 11.39 -23.80 -26.78
N TYR A 413 10.66 -22.71 -27.05
CA TYR A 413 10.55 -21.63 -26.08
C TYR A 413 9.93 -22.16 -24.79
N PRO A 414 10.47 -21.82 -23.61
CA PRO A 414 9.83 -22.29 -22.37
C PRO A 414 8.38 -21.87 -22.27
N SER A 415 8.05 -20.66 -22.71
CA SER A 415 6.67 -20.18 -22.61
C SER A 415 5.77 -20.79 -23.67
N ARG A 416 6.25 -20.94 -24.90
CA ARG A 416 5.43 -21.39 -26.01
C ARG A 416 6.16 -22.54 -26.70
N PRO A 417 5.96 -23.77 -26.23
CA PRO A 417 6.75 -24.90 -26.75
C PRO A 417 6.52 -25.20 -28.22
N ASP A 418 5.42 -24.73 -28.82
CA ASP A 418 5.14 -25.11 -30.20
C ASP A 418 6.17 -24.53 -31.17
N VAL A 419 6.95 -23.54 -30.74
CA VAL A 419 7.96 -22.95 -31.60
C VAL A 419 9.21 -23.82 -31.63
N LYS A 420 9.27 -24.75 -32.58
CA LYS A 420 10.51 -25.46 -32.89
C LYS A 420 11.27 -24.73 -33.99
N ILE A 421 11.48 -23.43 -33.79
CA ILE A 421 12.21 -22.64 -34.77
C ILE A 421 13.64 -23.14 -34.90
N LEU A 422 14.28 -23.41 -33.76
CA LEU A 422 15.67 -23.89 -33.75
C LEU A 422 15.66 -25.34 -34.23
N ASN A 423 15.97 -25.53 -35.51
CA ASN A 423 15.84 -26.83 -36.17
C ASN A 423 17.18 -27.22 -36.80
N ASN A 424 17.89 -28.13 -36.13
CA ASN A 424 19.06 -28.80 -36.70
C ASN A 424 20.02 -27.81 -37.37
N MET A 425 20.57 -26.92 -36.55
CA MET A 425 21.64 -26.07 -37.03
C MET A 425 22.82 -26.92 -37.45
N SER A 426 23.36 -26.64 -38.64
CA SER A 426 24.50 -27.35 -39.19
C SER A 426 25.54 -26.35 -39.66
N LEU A 427 25.83 -25.37 -38.81
CA LEU A 427 26.75 -24.30 -39.14
C LEU A 427 28.14 -24.59 -38.58
N SER A 428 29.15 -24.13 -39.31
CA SER A 428 30.54 -24.25 -38.88
C SER A 428 31.26 -22.97 -39.24
N VAL A 429 31.97 -22.38 -38.28
CA VAL A 429 32.75 -21.18 -38.50
C VAL A 429 34.16 -21.42 -37.98
N LYS A 430 35.16 -21.14 -38.81
CA LYS A 430 36.54 -21.31 -38.43
C LYS A 430 37.08 -20.05 -37.77
N SER A 431 38.26 -20.17 -37.17
CA SER A 431 38.91 -19.02 -36.57
C SER A 431 39.20 -17.96 -37.63
N GLY A 432 38.86 -16.72 -37.31
CA GLY A 432 39.06 -15.64 -38.25
C GLY A 432 38.22 -15.72 -39.50
N GLN A 433 37.21 -16.59 -39.53
CA GLN A 433 36.37 -16.77 -40.71
C GLN A 433 35.12 -15.91 -40.54
N THR A 434 35.19 -14.68 -41.04
CA THR A 434 34.05 -13.78 -40.95
C THR A 434 32.89 -14.31 -41.78
N ILE A 435 31.76 -14.53 -41.12
CA ILE A 435 30.55 -15.06 -41.76
C ILE A 435 29.35 -14.28 -41.24
N ALA A 436 28.43 -13.96 -42.14
CA ALA A 436 27.22 -13.23 -41.81
C ALA A 436 26.01 -14.16 -41.88
N LEU A 437 24.85 -13.59 -41.57
CA LEU A 437 23.57 -14.30 -41.62
C LEU A 437 22.58 -13.50 -42.42
N VAL A 438 21.83 -14.19 -43.30
CA VAL A 438 20.82 -13.57 -44.15
C VAL A 438 19.53 -14.35 -44.00
N GLY A 439 18.42 -13.66 -44.26
CA GLY A 439 17.13 -14.31 -44.17
C GLY A 439 16.02 -13.29 -44.16
N SER A 440 14.79 -13.81 -44.18
CA SER A 440 13.61 -12.96 -44.12
C SER A 440 13.43 -12.41 -42.71
N SER A 441 12.83 -11.23 -42.64
CA SER A 441 12.62 -10.57 -41.35
C SER A 441 11.79 -11.47 -40.44
N GLY A 442 12.19 -11.55 -39.17
CA GLY A 442 11.47 -12.35 -38.20
C GLY A 442 11.52 -13.83 -38.45
N CYS A 443 12.50 -14.31 -39.22
CA CYS A 443 12.62 -15.73 -39.53
C CYS A 443 13.47 -16.49 -38.52
N GLY A 444 13.57 -15.99 -37.29
CA GLY A 444 14.30 -16.68 -36.25
C GLY A 444 15.80 -16.56 -36.34
N LYS A 445 16.32 -15.52 -37.01
CA LYS A 445 17.77 -15.36 -37.11
C LYS A 445 18.39 -15.15 -35.73
N SER A 446 17.73 -14.38 -34.87
CA SER A 446 18.30 -14.07 -33.57
C SER A 446 18.37 -15.31 -32.68
N THR A 447 17.73 -16.41 -33.08
CA THR A 447 17.75 -17.62 -32.29
C THR A 447 19.17 -18.12 -32.07
N THR A 448 19.97 -18.13 -33.15
CA THR A 448 21.35 -18.56 -33.00
C THR A 448 22.12 -17.61 -32.07
N ILE A 449 21.85 -16.31 -32.17
CA ILE A 449 22.53 -15.34 -31.32
C ILE A 449 22.24 -15.64 -29.85
N GLN A 450 20.97 -15.88 -29.53
CA GLN A 450 20.65 -16.27 -28.16
C GLN A 450 21.30 -17.59 -27.80
N LEU A 451 21.39 -18.52 -28.74
CA LEU A 451 21.98 -19.82 -28.44
C LEU A 451 23.42 -19.67 -28.00
N LEU A 452 24.24 -18.98 -28.81
CA LEU A 452 25.64 -18.80 -28.43
C LEU A 452 25.75 -18.03 -27.13
N GLN A 453 24.82 -17.12 -26.87
CA GLN A 453 24.81 -16.33 -25.64
C GLN A 453 24.50 -17.17 -24.42
N ARG A 454 24.30 -18.47 -24.57
CA ARG A 454 23.86 -19.33 -23.47
C ARG A 454 22.55 -18.80 -22.88
N PHE A 455 21.65 -18.38 -23.78
CA PHE A 455 20.30 -17.98 -23.38
C PHE A 455 19.37 -19.17 -23.27
N TYR A 456 19.52 -20.17 -24.12
CA TYR A 456 18.64 -21.33 -24.15
C TYR A 456 19.48 -22.58 -24.13
N ASP A 457 18.93 -23.64 -23.53
CA ASP A 457 19.63 -24.91 -23.39
C ASP A 457 19.18 -25.84 -24.50
N PRO A 458 20.04 -26.17 -25.46
CA PRO A 458 19.64 -27.15 -26.47
C PRO A 458 19.47 -28.54 -25.88
N GLN A 459 18.22 -29.01 -25.80
CA GLN A 459 17.96 -30.36 -25.31
C GLN A 459 18.72 -31.39 -26.12
N GLU A 460 18.96 -31.11 -27.39
CA GLU A 460 19.76 -31.97 -28.25
C GLU A 460 20.73 -31.10 -29.03
N GLY A 461 21.50 -31.75 -29.89
CA GLY A 461 22.39 -31.01 -30.77
C GLY A 461 23.70 -30.64 -30.11
N SER A 462 24.76 -30.72 -30.89
CA SER A 462 26.12 -30.48 -30.41
C SER A 462 26.53 -29.07 -30.83
N VAL A 463 26.78 -28.21 -29.84
CA VAL A 463 27.29 -26.86 -30.08
C VAL A 463 28.64 -26.77 -29.39
N SER A 464 29.71 -26.69 -30.18
CA SER A 464 31.05 -26.78 -29.64
C SER A 464 31.90 -25.63 -30.14
N ILE A 465 32.70 -25.07 -29.23
CA ILE A 465 33.67 -24.03 -29.56
C ILE A 465 35.03 -24.71 -29.54
N ASP A 466 35.48 -25.16 -30.71
CA ASP A 466 36.76 -25.84 -30.84
C ASP A 466 36.78 -27.12 -29.99
N THR A 467 35.88 -28.04 -30.34
CA THR A 467 35.81 -29.35 -29.70
C THR A 467 35.60 -29.23 -28.19
N HIS A 468 34.65 -28.39 -27.81
CA HIS A 468 34.28 -28.24 -26.41
C HIS A 468 32.80 -27.92 -26.34
N ASP A 469 32.00 -28.84 -25.79
CA ASP A 469 30.58 -28.60 -25.65
C ASP A 469 30.32 -27.33 -24.86
N ILE A 470 29.52 -26.43 -25.42
CA ILE A 470 29.26 -25.15 -24.76
C ILE A 470 28.65 -25.38 -23.39
N ARG A 471 27.74 -26.34 -23.28
CA ARG A 471 27.14 -26.67 -21.99
C ARG A 471 28.18 -27.22 -21.02
N SER A 472 29.24 -27.84 -21.52
CA SER A 472 30.31 -28.37 -20.70
C SER A 472 31.37 -27.32 -20.36
N LEU A 473 31.03 -26.04 -20.48
CA LEU A 473 31.97 -24.95 -20.23
C LEU A 473 31.32 -23.93 -19.31
N ASN A 474 32.14 -23.30 -18.49
CA ASN A 474 31.64 -22.30 -17.55
C ASN A 474 31.05 -21.12 -18.31
N VAL A 475 29.89 -20.66 -17.83
CA VAL A 475 29.20 -19.55 -18.50
C VAL A 475 30.04 -18.28 -18.41
N ARG A 476 30.48 -17.94 -17.20
CA ARG A 476 31.26 -16.72 -17.04
C ARG A 476 32.60 -16.83 -17.72
N TYR A 477 33.18 -18.04 -17.74
CA TYR A 477 34.45 -18.23 -18.42
C TYR A 477 34.33 -17.91 -19.90
N LEU A 478 33.14 -18.04 -20.48
CA LEU A 478 32.98 -17.85 -21.91
C LEU A 478 32.37 -16.51 -22.29
N ARG A 479 31.55 -15.92 -21.42
CA ARG A 479 30.85 -14.70 -21.77
C ARG A 479 31.83 -13.56 -22.06
N GLU A 480 32.87 -13.42 -21.24
CA GLU A 480 33.78 -12.30 -21.43
C GLU A 480 34.54 -12.41 -22.75
N MET A 481 34.77 -13.61 -23.25
CA MET A 481 35.45 -13.79 -24.52
C MET A 481 34.50 -13.75 -25.70
N ILE A 482 33.23 -13.44 -25.47
CA ILE A 482 32.28 -13.21 -26.56
C ILE A 482 31.61 -11.86 -26.32
N GLY A 483 31.60 -11.03 -27.36
CA GLY A 483 31.04 -9.68 -27.24
C GLY A 483 29.85 -9.47 -28.13
N VAL A 484 28.76 -8.95 -27.58
CA VAL A 484 27.53 -8.72 -28.33
C VAL A 484 26.94 -7.38 -27.91
N VAL A 485 26.60 -6.56 -28.90
CA VAL A 485 25.90 -5.30 -28.65
C VAL A 485 24.41 -5.61 -28.52
N SER A 486 23.64 -4.64 -28.07
CA SER A 486 22.20 -4.80 -27.90
C SER A 486 21.46 -4.26 -29.12
N GLN A 487 20.17 -4.57 -29.19
CA GLN A 487 19.31 -4.06 -30.26
C GLN A 487 19.37 -2.54 -30.29
N GLU A 488 18.92 -1.90 -29.21
CA GLU A 488 19.09 -0.47 -28.99
C GLU A 488 19.74 -0.32 -27.62
N PRO A 489 21.05 -0.46 -27.54
CA PRO A 489 21.73 -0.41 -26.24
C PRO A 489 21.33 0.81 -25.44
N ILE A 490 20.68 0.59 -24.30
CA ILE A 490 20.22 1.68 -23.45
C ILE A 490 21.35 2.02 -22.48
N LEU A 491 22.08 3.10 -22.78
CA LEU A 491 23.13 3.58 -21.90
C LEU A 491 22.57 3.64 -20.48
N PHE A 492 23.12 2.81 -19.60
CA PHE A 492 22.51 2.65 -18.30
C PHE A 492 22.59 3.96 -17.50
N ALA A 493 21.94 3.97 -16.34
CA ALA A 493 21.78 5.19 -15.57
C ALA A 493 23.12 5.55 -14.94
N THR A 494 23.99 6.12 -15.77
CA THR A 494 25.33 6.53 -15.37
C THR A 494 25.87 7.47 -16.45
N THR A 495 27.15 7.80 -16.36
CA THR A 495 27.78 8.72 -17.31
C THR A 495 28.37 7.96 -18.48
N ILE A 496 28.81 8.71 -19.48
CA ILE A 496 29.43 8.11 -20.66
C ILE A 496 30.65 7.29 -20.25
N ALA A 497 31.42 7.79 -19.29
CA ALA A 497 32.62 7.10 -18.86
C ALA A 497 32.29 5.71 -18.34
N GLU A 498 31.31 5.60 -17.46
CA GLU A 498 30.92 4.29 -16.94
C GLU A 498 30.38 3.39 -18.05
N ASN A 499 29.58 3.96 -18.94
CA ASN A 499 29.03 3.17 -20.03
C ASN A 499 30.14 2.54 -20.86
N ILE A 500 31.12 3.34 -21.28
CA ILE A 500 32.23 2.79 -22.04
C ILE A 500 33.04 1.82 -21.19
N LYS A 501 33.16 2.10 -19.89
CA LYS A 501 33.93 1.21 -19.01
C LYS A 501 33.30 -0.18 -18.95
N TYR A 502 31.98 -0.25 -18.99
CA TYR A 502 31.27 -1.50 -18.72
C TYR A 502 31.71 -2.65 -19.62
N GLY A 503 32.51 -2.37 -20.64
CA GLY A 503 33.10 -3.45 -21.40
C GLY A 503 33.89 -4.41 -20.52
N ARG A 504 34.72 -3.87 -19.64
CA ARG A 504 35.45 -4.65 -18.66
C ARG A 504 35.57 -3.85 -17.37
N PRO A 505 35.71 -4.52 -16.22
CA PRO A 505 35.74 -3.77 -14.95
C PRO A 505 36.89 -2.79 -14.85
N ASP A 506 38.05 -3.11 -15.42
CA ASP A 506 39.22 -2.25 -15.37
C ASP A 506 39.84 -2.15 -16.76
N VAL A 507 40.21 -0.94 -17.15
CA VAL A 507 40.90 -0.72 -18.42
C VAL A 507 41.50 0.68 -18.44
N THR A 508 42.64 0.82 -19.11
CA THR A 508 43.29 2.12 -19.20
C THR A 508 42.52 3.05 -20.13
N GLN A 509 42.74 4.35 -19.93
CA GLN A 509 42.09 5.34 -20.77
C GLN A 509 42.55 5.24 -22.22
N GLN A 510 43.72 4.67 -22.46
CA GLN A 510 44.20 4.53 -23.84
C GLN A 510 43.30 3.61 -24.65
N GLU A 511 42.79 2.55 -24.04
CA GLU A 511 41.83 1.71 -24.74
C GLU A 511 40.57 2.50 -25.06
N ILE A 512 40.15 3.39 -24.15
CA ILE A 512 39.00 4.24 -24.42
C ILE A 512 39.28 5.12 -25.63
N GLU A 513 40.47 5.72 -25.68
CA GLU A 513 40.82 6.57 -26.82
C GLU A 513 40.81 5.77 -28.11
N GLN A 514 41.38 4.57 -28.08
CA GLN A 514 41.41 3.73 -29.28
C GLN A 514 40.00 3.35 -29.72
N ALA A 515 39.13 3.03 -28.77
CA ALA A 515 37.76 2.69 -29.12
C ALA A 515 37.03 3.90 -29.71
N ALA A 516 37.26 5.08 -29.15
CA ALA A 516 36.64 6.28 -29.70
C ALA A 516 37.11 6.54 -31.12
N LYS A 517 38.42 6.39 -31.38
CA LYS A 517 38.92 6.55 -32.73
C LYS A 517 38.33 5.50 -33.67
N GLU A 518 38.26 4.24 -33.22
CA GLU A 518 37.74 3.17 -34.05
C GLU A 518 36.27 3.40 -34.40
N ALA A 519 35.47 3.80 -33.42
CA ALA A 519 34.07 4.10 -33.64
C ALA A 519 33.86 5.52 -34.15
N ASN A 520 34.92 6.29 -34.31
CA ASN A 520 34.80 7.69 -34.73
C ASN A 520 33.84 8.43 -33.81
N ALA A 521 33.78 8.02 -32.55
CA ALA A 521 32.93 8.70 -31.58
C ALA A 521 33.32 10.16 -31.44
N TYR A 522 34.58 10.50 -31.71
CA TYR A 522 35.02 11.89 -31.63
C TYR A 522 34.02 12.84 -32.25
N ASP A 523 33.43 12.46 -33.38
CA ASP A 523 32.55 13.36 -34.12
C ASP A 523 31.54 14.03 -33.20
N PHE A 524 31.09 13.32 -32.17
CA PHE A 524 30.13 13.88 -31.22
C PHE A 524 30.74 14.13 -29.85
N ILE A 525 32.07 14.21 -29.76
CA ILE A 525 32.75 14.36 -28.48
C ILE A 525 33.28 15.77 -28.25
N MET A 526 33.31 16.62 -29.26
CA MET A 526 33.86 17.96 -29.07
C MET A 526 33.06 18.74 -28.03
N ASN A 527 31.74 18.66 -28.08
CA ASN A 527 30.88 19.54 -27.31
C ASN A 527 30.49 19.00 -25.95
N LEU A 528 30.99 17.83 -25.56
CA LEU A 528 30.63 17.30 -24.25
C LEU A 528 31.29 18.14 -23.16
N PRO A 529 30.56 18.52 -22.10
CA PRO A 529 31.19 19.33 -21.04
C PRO A 529 32.56 18.82 -20.60
N ASP A 530 32.69 17.51 -20.36
CA ASP A 530 33.96 16.92 -19.95
C ASP A 530 34.22 15.66 -20.77
N LYS A 531 34.02 15.77 -22.08
CA LYS A 531 34.28 14.64 -22.97
C LYS A 531 33.65 13.36 -22.43
N PHE A 532 34.44 12.31 -22.25
CA PHE A 532 33.88 11.02 -21.82
C PHE A 532 33.28 11.11 -20.44
N GLU A 533 33.82 11.95 -19.57
CA GLU A 533 33.24 12.15 -18.24
C GLU A 533 31.86 12.76 -18.31
N THR A 534 31.46 13.30 -19.45
CA THR A 534 30.17 13.97 -19.57
C THR A 534 29.04 13.01 -19.21
N LEU A 535 28.03 13.55 -18.52
CA LEU A 535 26.85 12.77 -18.19
C LEU A 535 25.98 12.61 -19.43
N VAL A 536 25.40 11.41 -19.58
CA VAL A 536 24.60 11.11 -20.77
C VAL A 536 23.42 12.05 -20.86
N GLY A 537 22.67 12.18 -19.78
CA GLY A 537 21.49 13.02 -19.77
C GLY A 537 20.49 12.49 -18.75
N ASP A 538 19.24 12.92 -18.91
CA ASP A 538 18.15 12.51 -18.04
C ASP A 538 17.36 11.39 -18.73
N ARG A 539 17.25 10.25 -18.06
CA ARG A 539 16.54 9.07 -18.54
C ARG A 539 17.20 8.43 -19.76
N GLY A 540 18.40 8.86 -20.11
CA GLY A 540 19.07 8.32 -21.29
C GLY A 540 18.27 8.55 -22.56
N THR A 541 17.61 9.69 -22.67
CA THR A 541 16.80 10.05 -23.83
C THR A 541 17.23 11.39 -24.40
N GLN A 542 18.54 11.64 -24.41
CA GLN A 542 19.10 12.89 -24.89
C GLN A 542 19.86 12.77 -26.19
N MET A 543 20.51 11.63 -26.44
CA MET A 543 21.32 11.46 -27.63
C MET A 543 20.58 10.60 -28.65
N SER A 544 20.88 10.83 -29.91
CA SER A 544 20.19 10.15 -31.00
C SER A 544 20.62 8.69 -31.08
N GLY A 545 20.06 7.98 -32.06
CA GLY A 545 20.38 6.57 -32.22
C GLY A 545 21.81 6.32 -32.66
N GLY A 546 22.33 7.15 -33.57
CA GLY A 546 23.64 6.88 -34.12
C GLY A 546 24.74 6.93 -33.07
N GLN A 547 24.73 7.98 -32.25
CA GLN A 547 25.76 8.12 -31.23
C GLN A 547 25.63 7.03 -30.17
N LYS A 548 24.40 6.67 -29.80
CA LYS A 548 24.20 5.57 -28.86
C LYS A 548 24.75 4.26 -29.42
N GLN A 549 24.46 3.97 -30.68
CA GLN A 549 24.99 2.78 -31.31
C GLN A 549 26.51 2.78 -31.31
N ARG A 550 27.11 3.92 -31.64
CA ARG A 550 28.57 3.99 -31.68
C ARG A 550 29.18 3.77 -30.31
N ILE A 551 28.61 4.40 -29.27
CA ILE A 551 29.18 4.24 -27.94
C ILE A 551 29.00 2.80 -27.47
N ALA A 552 27.88 2.17 -27.83
CA ALA A 552 27.72 0.75 -27.49
C ALA A 552 28.75 -0.10 -28.19
N ILE A 553 29.03 0.19 -29.47
CA ILE A 553 30.04 -0.56 -30.19
C ILE A 553 31.39 -0.39 -29.51
N ALA A 554 31.72 0.83 -29.10
CA ALA A 554 32.98 1.05 -28.40
C ALA A 554 33.03 0.29 -27.08
N ARG A 555 31.91 0.28 -26.35
CA ARG A 555 31.86 -0.47 -25.10
C ARG A 555 32.11 -1.94 -25.35
N ALA A 556 31.57 -2.47 -26.44
CA ALA A 556 31.86 -3.86 -26.81
C ALA A 556 33.33 -4.04 -27.15
N LEU A 557 33.91 -3.09 -27.89
CA LEU A 557 35.28 -3.23 -28.34
C LEU A 557 36.24 -3.27 -27.15
N VAL A 558 36.04 -2.39 -26.17
CA VAL A 558 36.96 -2.33 -25.04
C VAL A 558 37.05 -3.65 -24.31
N ARG A 559 36.02 -4.50 -24.44
CA ARG A 559 36.05 -5.82 -23.82
C ARG A 559 37.07 -6.76 -24.44
N ASN A 560 37.63 -6.40 -25.60
CA ASN A 560 38.57 -7.24 -26.33
C ASN A 560 37.99 -8.63 -26.56
N PRO A 561 36.75 -8.73 -27.05
CA PRO A 561 36.17 -10.06 -27.29
C PRO A 561 36.86 -10.78 -28.43
N LYS A 562 36.84 -12.11 -28.36
CA LYS A 562 37.37 -12.95 -29.42
C LYS A 562 36.34 -13.21 -30.51
N ILE A 563 35.09 -13.47 -30.12
CA ILE A 563 34.00 -13.73 -31.06
C ILE A 563 32.93 -12.67 -30.82
N LEU A 564 32.47 -12.04 -31.90
CA LEU A 564 31.54 -10.93 -31.81
C LEU A 564 30.22 -11.31 -32.47
N LEU A 565 29.13 -10.79 -31.90
CA LEU A 565 27.80 -10.95 -32.47
C LEU A 565 27.06 -9.62 -32.38
N LEU A 566 26.27 -9.31 -33.40
CA LEU A 566 25.46 -8.10 -33.40
C LEU A 566 24.04 -8.48 -33.78
N ASP A 567 23.06 -7.91 -33.07
CA ASP A 567 21.65 -8.11 -33.39
C ASP A 567 21.05 -6.78 -33.84
N GLU A 568 20.55 -6.77 -35.08
CA GLU A 568 19.91 -5.60 -35.68
C GLU A 568 20.57 -4.30 -35.21
N ALA A 569 21.89 -4.29 -35.26
CA ALA A 569 22.67 -3.14 -34.84
C ALA A 569 22.92 -2.15 -35.97
N THR A 570 22.53 -2.49 -37.19
CA THR A 570 22.64 -1.61 -38.35
C THR A 570 21.25 -1.37 -38.89
N SER A 571 20.57 -0.37 -38.34
CA SER A 571 19.22 0.01 -38.76
C SER A 571 18.79 1.19 -37.90
N ALA A 572 17.66 1.79 -38.29
CA ALA A 572 17.06 2.90 -37.55
C ALA A 572 18.08 4.00 -37.28
N LEU A 573 18.66 4.52 -38.37
CA LEU A 573 19.68 5.55 -38.27
C LEU A 573 19.56 6.50 -39.46
N ASP A 574 20.05 7.71 -39.27
CA ASP A 574 20.13 8.68 -40.35
C ASP A 574 21.25 8.28 -41.31
N ALA A 575 21.17 8.83 -42.53
CA ALA A 575 22.16 8.49 -43.54
C ALA A 575 23.57 8.72 -43.02
N GLU A 576 23.85 9.92 -42.50
CA GLU A 576 25.19 10.20 -41.98
C GLU A 576 25.55 9.21 -40.89
N SER A 577 24.64 9.01 -39.93
CA SER A 577 24.90 8.09 -38.83
C SER A 577 25.08 6.67 -39.35
N GLU A 578 24.25 6.25 -40.30
CA GLU A 578 24.31 4.87 -40.76
C GLU A 578 25.63 4.59 -41.48
N THR A 579 26.06 5.51 -42.35
CA THR A 579 27.36 5.35 -42.99
C THR A 579 28.49 5.38 -41.98
N ILE A 580 28.42 6.26 -40.98
CA ILE A 580 29.51 6.34 -40.01
C ILE A 580 29.62 5.05 -39.23
N VAL A 581 28.47 4.52 -38.78
CA VAL A 581 28.49 3.30 -37.98
C VAL A 581 28.91 2.12 -38.85
N GLN A 582 28.51 2.11 -40.13
CA GLN A 582 28.97 1.05 -41.01
C GLN A 582 30.47 1.09 -41.18
N ALA A 583 31.03 2.30 -41.33
CA ALA A 583 32.47 2.44 -41.46
C ALA A 583 33.18 1.93 -40.22
N ALA A 584 32.68 2.32 -39.03
CA ALA A 584 33.29 1.82 -37.80
C ALA A 584 33.19 0.30 -37.72
N LEU A 585 32.03 -0.26 -38.08
CA LEU A 585 31.85 -1.70 -38.04
C LEU A 585 32.84 -2.40 -38.94
N ASP A 586 33.02 -1.88 -40.16
CA ASP A 586 34.00 -2.48 -41.06
C ASP A 586 35.40 -2.36 -40.49
N LYS A 587 35.72 -1.22 -39.88
CA LYS A 587 37.05 -1.04 -39.31
C LYS A 587 37.29 -1.98 -38.13
N VAL A 588 36.23 -2.43 -37.47
CA VAL A 588 36.40 -3.41 -36.39
C VAL A 588 36.26 -4.85 -36.88
N ARG A 589 35.78 -5.05 -38.11
CA ARG A 589 35.65 -6.40 -38.64
C ARG A 589 36.98 -7.15 -38.61
N LEU A 590 38.08 -6.46 -38.88
CA LEU A 590 39.37 -7.13 -38.96
C LEU A 590 39.71 -7.79 -37.63
N GLY A 591 40.33 -8.96 -37.71
CA GLY A 591 40.71 -9.69 -36.50
C GLY A 591 39.55 -10.06 -35.63
N ARG A 592 38.40 -10.41 -36.23
CA ARG A 592 37.21 -10.76 -35.47
C ARG A 592 36.31 -11.60 -36.34
N THR A 593 35.99 -12.83 -35.90
CA THR A 593 34.99 -13.66 -36.54
C THR A 593 33.63 -13.28 -35.99
N THR A 594 32.88 -12.48 -36.74
CA THR A 594 31.62 -11.91 -36.29
C THR A 594 30.47 -12.51 -37.06
N ILE A 595 29.55 -13.14 -36.35
CA ILE A 595 28.27 -13.54 -36.93
C ILE A 595 27.27 -12.44 -36.67
N VAL A 596 26.86 -11.75 -37.73
CA VAL A 596 26.10 -10.52 -37.62
C VAL A 596 24.64 -10.80 -37.93
N VAL A 597 23.75 -10.02 -37.33
CA VAL A 597 22.31 -10.12 -37.56
C VAL A 597 21.78 -8.72 -37.81
N ALA A 598 21.40 -8.46 -39.06
CA ALA A 598 20.84 -7.16 -39.44
C ALA A 598 20.28 -7.25 -40.87
N HIS A 599 19.85 -6.12 -41.41
CA HIS A 599 19.28 -6.04 -42.75
C HIS A 599 19.97 -4.96 -43.56
N ARG A 600 21.31 -4.98 -43.54
CA ARG A 600 22.12 -4.01 -44.27
C ARG A 600 22.85 -4.75 -45.41
N LEU A 601 22.67 -4.24 -46.63
CA LEU A 601 23.11 -4.99 -47.81
C LEU A 601 24.63 -5.14 -47.84
N SER A 602 25.38 -4.08 -47.50
CA SER A 602 26.82 -4.13 -47.58
C SER A 602 27.38 -5.23 -46.69
N THR A 603 26.89 -5.33 -45.45
CA THR A 603 27.34 -6.39 -44.56
C THR A 603 27.23 -7.75 -45.22
N ILE A 604 26.10 -8.00 -45.89
CA ILE A 604 25.95 -9.26 -46.62
C ILE A 604 26.98 -9.36 -47.72
N ARG A 605 27.19 -8.26 -48.46
CA ARG A 605 28.07 -8.31 -49.62
C ARG A 605 29.52 -8.53 -49.21
N ASN A 606 29.99 -7.78 -48.21
CA ASN A 606 31.39 -7.88 -47.78
C ASN A 606 31.50 -9.00 -46.76
N ALA A 607 31.63 -10.23 -47.28
CA ALA A 607 31.74 -11.39 -46.42
C ALA A 607 32.38 -12.53 -47.21
N ASP A 608 33.40 -13.15 -46.62
CA ASP A 608 34.08 -14.26 -47.29
C ASP A 608 33.12 -15.42 -47.52
N VAL A 609 32.33 -15.77 -46.51
CA VAL A 609 31.38 -16.87 -46.59
C VAL A 609 30.04 -16.36 -46.06
N ILE A 610 28.96 -16.83 -46.67
CA ILE A 610 27.62 -16.41 -46.32
C ILE A 610 26.74 -17.64 -46.15
N ALA A 611 25.74 -17.52 -45.28
CA ALA A 611 24.85 -18.60 -44.89
C ALA A 611 23.41 -18.24 -45.21
N GLY A 612 22.59 -19.27 -45.41
CA GLY A 612 21.17 -19.07 -45.62
C GLY A 612 20.37 -19.46 -44.39
N PHE A 613 19.88 -18.46 -43.67
CA PHE A 613 19.08 -18.66 -42.46
C PHE A 613 17.65 -18.25 -42.78
N HIS A 614 16.86 -19.22 -43.25
CA HIS A 614 15.48 -18.98 -43.62
C HIS A 614 14.61 -20.05 -42.99
N LYS A 615 13.61 -19.62 -42.22
CA LYS A 615 12.69 -20.48 -41.46
C LYS A 615 13.35 -21.01 -40.20
N GLY A 616 14.42 -20.40 -39.73
CA GLY A 616 15.04 -20.84 -38.50
C GLY A 616 15.96 -22.04 -38.65
N ASP A 617 16.51 -22.27 -39.83
CA ASP A 617 17.41 -23.39 -40.05
C ASP A 617 18.32 -23.07 -41.23
N VAL A 618 19.52 -23.62 -41.19
CA VAL A 618 20.47 -23.43 -42.29
C VAL A 618 19.94 -24.15 -43.52
N ILE A 619 19.92 -23.45 -44.65
CA ILE A 619 19.45 -24.02 -45.90
C ILE A 619 20.62 -24.19 -46.86
N GLU A 620 21.63 -23.34 -46.72
CA GLU A 620 22.81 -23.42 -47.58
C GLU A 620 23.94 -22.66 -46.91
N LEU A 621 25.16 -22.94 -47.35
CA LEU A 621 26.35 -22.28 -46.85
C LEU A 621 27.32 -22.12 -48.01
N GLY A 622 28.18 -21.12 -47.94
CA GLY A 622 29.33 -21.12 -48.83
C GLY A 622 29.56 -19.74 -49.43
N THR A 623 29.99 -19.76 -50.69
CA THR A 623 30.60 -18.59 -51.30
C THR A 623 29.57 -17.47 -51.47
N HIS A 624 30.11 -16.27 -51.75
CA HIS A 624 29.26 -15.12 -51.99
C HIS A 624 28.37 -15.32 -53.21
N SER A 625 28.93 -15.89 -54.28
CA SER A 625 28.17 -16.06 -55.51
C SER A 625 27.00 -17.02 -55.32
N GLN A 626 27.25 -18.15 -54.65
CA GLN A 626 26.21 -19.15 -54.51
C GLN A 626 25.04 -18.61 -53.69
N LEU A 627 25.32 -17.91 -52.59
CA LEU A 627 24.25 -17.31 -51.83
C LEU A 627 23.58 -16.19 -52.61
N MET A 628 24.33 -15.46 -53.43
CA MET A 628 23.72 -14.46 -54.29
C MET A 628 22.68 -15.09 -55.19
N GLU A 629 23.02 -16.25 -55.77
CA GLU A 629 22.04 -16.97 -56.59
C GLU A 629 20.84 -17.41 -55.76
N LYS A 630 20.99 -17.55 -54.45
CA LYS A 630 19.98 -18.18 -53.61
C LYS A 630 18.89 -17.15 -53.25
N GLN A 631 18.24 -16.67 -54.29
CA GLN A 631 17.03 -15.84 -54.18
C GLN A 631 17.17 -14.83 -53.04
N GLY A 632 18.11 -13.91 -53.21
CA GLY A 632 18.34 -12.88 -52.23
C GLY A 632 17.11 -12.04 -51.96
N VAL A 633 17.22 -11.07 -51.04
CA VAL A 633 16.07 -10.26 -50.68
C VAL A 633 15.53 -9.54 -51.90
N TYR A 634 16.41 -8.96 -52.71
CA TYR A 634 15.96 -8.34 -53.95
C TYR A 634 15.29 -9.36 -54.86
N TYR A 635 15.84 -10.55 -54.96
CA TYR A 635 15.25 -11.60 -55.76
C TYR A 635 13.90 -11.98 -55.19
N GLU A 706 -8.25 21.01 -5.44
CA GLU A 706 -8.44 22.00 -6.50
C GLU A 706 -8.72 23.37 -5.91
N ASP A 707 -8.17 23.63 -4.71
CA ASP A 707 -8.43 24.90 -4.05
C ASP A 707 -8.02 26.07 -4.93
N GLU A 708 -6.81 26.02 -5.49
CA GLU A 708 -6.38 27.08 -6.39
C GLU A 708 -7.23 27.12 -7.65
N ASN A 709 -7.53 25.94 -8.21
CA ASN A 709 -8.34 25.89 -9.42
C ASN A 709 -9.76 26.35 -9.15
N VAL A 710 -10.36 25.87 -8.06
CA VAL A 710 -11.74 26.21 -7.73
C VAL A 710 -11.76 27.64 -7.19
N PRO A 711 -12.65 28.50 -7.66
CA PRO A 711 -12.72 29.86 -7.12
C PRO A 711 -13.16 29.83 -5.67
N PRO A 712 -13.15 30.98 -4.98
CA PRO A 712 -13.60 31.00 -3.59
C PRO A 712 -15.02 30.47 -3.43
N VAL A 713 -15.15 29.31 -2.77
CA VAL A 713 -16.45 28.67 -2.58
C VAL A 713 -16.45 28.00 -1.21
N SER A 714 -17.58 28.10 -0.51
CA SER A 714 -17.69 27.61 0.85
C SER A 714 -19.02 26.89 1.04
N PHE A 715 -19.10 26.14 2.14
CA PHE A 715 -20.30 25.37 2.44
C PHE A 715 -21.51 26.26 2.64
N LEU A 716 -21.31 27.55 2.93
CA LEU A 716 -22.44 28.47 3.01
C LEU A 716 -23.22 28.47 1.70
N LYS A 717 -22.51 28.42 0.58
CA LYS A 717 -23.15 28.20 -0.72
C LYS A 717 -24.02 26.96 -0.67
N VAL A 718 -23.46 25.87 -0.12
CA VAL A 718 -24.12 24.57 -0.13
C VAL A 718 -25.44 24.66 0.62
N MET A 719 -25.40 25.28 1.81
CA MET A 719 -26.62 25.46 2.58
C MET A 719 -27.62 26.34 1.84
N ARG A 720 -27.17 27.52 1.39
CA ARG A 720 -28.09 28.47 0.76
C ARG A 720 -28.73 27.87 -0.49
N LEU A 721 -28.05 26.93 -1.15
CA LEU A 721 -28.66 26.24 -2.27
C LEU A 721 -29.91 25.50 -1.85
N ASN A 722 -30.08 25.23 -0.56
CA ASN A 722 -31.22 24.50 -0.04
C ASN A 722 -32.13 25.42 0.77
N LEU A 723 -32.19 26.69 0.37
CA LEU A 723 -32.99 27.66 1.13
C LEU A 723 -34.42 27.20 1.27
N SER A 724 -34.93 26.46 0.28
CA SER A 724 -36.27 25.88 0.38
C SER A 724 -36.34 24.75 1.39
N GLU A 725 -35.19 24.27 1.89
CA GLU A 725 -35.16 23.16 2.84
C GLU A 725 -34.69 23.61 4.22
N TRP A 726 -34.90 24.87 4.58
CA TRP A 726 -34.41 25.37 5.86
C TRP A 726 -35.02 24.59 7.03
N PRO A 727 -36.34 24.37 7.10
CA PRO A 727 -36.87 23.61 8.25
C PRO A 727 -36.32 22.20 8.37
N TYR A 728 -36.03 21.54 7.25
CA TYR A 728 -35.55 20.17 7.31
C TYR A 728 -34.11 20.10 7.81
N MET A 729 -33.25 20.98 7.28
CA MET A 729 -31.93 21.11 7.88
C MET A 729 -32.03 21.46 9.34
N ALA A 730 -33.03 22.27 9.71
CA ALA A 730 -33.18 22.66 11.11
C ALA A 730 -33.50 21.45 11.98
N LEU A 731 -34.44 20.61 11.54
CA LEU A 731 -34.80 19.43 12.31
C LEU A 731 -33.62 18.47 12.40
N GLY A 732 -32.89 18.30 11.29
CA GLY A 732 -31.70 17.47 11.33
C GLY A 732 -30.67 17.99 12.30
N THR A 733 -30.46 19.31 12.31
CA THR A 733 -29.55 19.91 13.28
C THR A 733 -30.01 19.63 14.70
N PHE A 734 -31.30 19.80 14.96
CA PHE A 734 -31.82 19.59 16.32
C PHE A 734 -31.59 18.15 16.76
N CYS A 735 -31.85 17.20 15.87
CA CYS A 735 -31.61 15.80 16.21
C CYS A 735 -30.13 15.54 16.45
N ALA A 736 -29.27 16.13 15.63
CA ALA A 736 -27.84 15.97 15.83
C ALA A 736 -27.41 16.53 17.18
N ILE A 737 -27.96 17.68 17.57
CA ILE A 737 -27.56 18.25 18.85
C ILE A 737 -28.07 17.38 19.98
N ILE A 738 -29.23 16.73 19.81
CA ILE A 738 -29.71 15.79 20.80
C ILE A 738 -28.73 14.62 20.94
N ASN A 739 -28.33 14.05 19.80
CA ASN A 739 -27.29 13.02 19.82
C ASN A 739 -26.07 13.50 20.58
N GLY A 740 -25.65 14.74 20.33
CA GLY A 740 -24.50 15.33 20.99
C GLY A 740 -24.66 15.41 22.49
N MET A 741 -25.81 15.89 22.96
CA MET A 741 -26.04 15.94 24.41
C MET A 741 -25.99 14.53 25.00
N MET A 742 -26.57 13.56 24.30
CA MET A 742 -26.79 12.25 24.90
C MET A 742 -25.52 11.43 25.03
N GLN A 743 -24.48 11.70 24.22
CA GLN A 743 -23.20 11.03 24.40
C GLN A 743 -22.57 11.29 25.75
N PRO A 744 -22.44 12.54 26.22
CA PRO A 744 -21.95 12.75 27.59
C PRO A 744 -22.79 12.10 28.67
N LEU A 745 -24.12 12.10 28.57
CA LEU A 745 -24.93 11.60 29.67
C LEU A 745 -24.58 10.17 30.01
N PHE A 746 -24.06 9.43 29.02
CA PHE A 746 -23.48 8.13 29.34
C PHE A 746 -22.44 8.31 30.43
N ALA A 747 -21.62 9.36 30.34
CA ALA A 747 -20.59 9.59 31.35
C ALA A 747 -21.20 9.86 32.72
N VAL A 748 -22.23 10.70 32.80
CA VAL A 748 -22.81 11.02 34.10
C VAL A 748 -23.40 9.76 34.71
N ILE A 749 -24.15 9.00 33.94
CA ILE A 749 -24.76 7.79 34.48
C ILE A 749 -23.69 6.77 34.85
N PHE A 750 -22.60 6.72 34.08
CA PHE A 750 -21.53 5.78 34.39
C PHE A 750 -20.85 6.14 35.69
N SER A 751 -20.57 7.41 35.90
CA SER A 751 -20.00 7.84 37.17
C SER A 751 -20.95 7.52 38.31
N LYS A 752 -22.24 7.76 38.11
CA LYS A 752 -23.20 7.52 39.18
C LYS A 752 -23.30 6.03 39.51
N ILE A 753 -23.32 5.16 38.48
CA ILE A 753 -23.35 3.73 38.77
C ILE A 753 -22.06 3.31 39.44
N ILE A 754 -20.93 3.91 39.08
CA ILE A 754 -19.67 3.56 39.71
C ILE A 754 -19.72 3.89 41.20
N ALA A 755 -20.18 5.10 41.52
CA ALA A 755 -20.06 5.62 42.88
C ALA A 755 -21.29 5.39 43.73
N VAL A 756 -22.33 4.75 43.19
CA VAL A 756 -23.55 4.52 43.96
C VAL A 756 -23.28 3.56 45.13
N PHE A 757 -22.42 2.58 44.90
CA PHE A 757 -22.24 1.48 45.85
C PHE A 757 -21.65 1.98 47.17
N ALA A 758 -21.14 3.21 47.17
CA ALA A 758 -20.57 3.76 48.40
C ALA A 758 -21.59 3.92 49.51
N GLU A 759 -22.89 3.92 49.20
CA GLU A 759 -23.89 4.19 50.20
C GLU A 759 -23.91 3.09 51.26
N PRO A 760 -24.08 3.46 52.54
CA PRO A 760 -24.11 2.42 53.59
C PRO A 760 -25.22 1.40 53.39
N ASN A 761 -26.38 1.84 52.91
CA ASN A 761 -27.54 0.95 52.84
C ASN A 761 -27.38 -0.05 51.71
N GLN A 762 -28.28 -1.04 51.69
CA GLN A 762 -28.28 -2.07 50.67
C GLN A 762 -29.59 -2.12 49.89
N GLU A 763 -30.72 -1.84 50.53
CA GLU A 763 -31.98 -1.74 49.78
C GLU A 763 -31.91 -0.62 48.76
N ILE A 764 -31.40 0.55 49.18
CA ILE A 764 -31.24 1.65 48.26
C ILE A 764 -30.24 1.29 47.18
N VAL A 765 -29.26 0.44 47.49
CA VAL A 765 -28.25 0.08 46.50
C VAL A 765 -28.92 -0.65 45.34
N ARG A 766 -29.71 -1.68 45.64
CA ARG A 766 -30.35 -2.44 44.56
C ARG A 766 -31.43 -1.61 43.88
N GLN A 767 -32.14 -0.77 44.64
CA GLN A 767 -33.12 0.11 44.02
C GLN A 767 -32.46 1.01 42.99
N LYS A 768 -31.32 1.62 43.35
CA LYS A 768 -30.67 2.55 42.45
C LYS A 768 -29.99 1.82 41.30
N SER A 769 -29.50 0.60 41.54
CA SER A 769 -28.97 -0.20 40.45
C SER A 769 -30.05 -0.52 39.43
N GLU A 770 -31.26 -0.86 39.90
CA GLU A 770 -32.39 -1.04 39.01
C GLU A 770 -32.71 0.26 38.28
N PHE A 771 -32.65 1.38 38.98
CA PHE A 771 -32.93 2.66 38.36
C PHE A 771 -31.96 2.92 37.22
N PHE A 772 -30.67 2.64 37.44
CA PHE A 772 -29.68 2.90 36.41
C PHE A 772 -29.76 1.89 35.28
N SER A 773 -30.20 0.67 35.57
CA SER A 773 -30.54 -0.26 34.49
C SER A 773 -31.64 0.34 33.62
N LEU A 774 -32.68 0.86 34.26
CA LEU A 774 -33.76 1.50 33.51
C LEU A 774 -33.24 2.67 32.69
N MET A 775 -32.34 3.46 33.26
CA MET A 775 -31.84 4.64 32.54
C MET A 775 -30.91 4.25 31.41
N PHE A 776 -30.17 3.16 31.55
CA PHE A 776 -29.39 2.63 30.44
C PHE A 776 -30.30 2.15 29.32
N ALA A 777 -31.38 1.46 29.66
CA ALA A 777 -32.39 1.14 28.66
C ALA A 777 -32.96 2.40 28.02
N ALA A 778 -33.16 3.44 28.82
CA ALA A 778 -33.74 4.68 28.30
C ALA A 778 -32.80 5.36 27.33
N ILE A 779 -31.50 5.38 27.63
CA ILE A 779 -30.56 5.97 26.70
C ILE A 779 -30.48 5.13 25.43
N GLY A 780 -30.56 3.81 25.56
CA GLY A 780 -30.63 2.98 24.37
C GLY A 780 -31.83 3.34 23.51
N GLY A 781 -33.00 3.49 24.13
CA GLY A 781 -34.20 3.80 23.37
C GLY A 781 -34.16 5.18 22.75
N VAL A 782 -33.68 6.17 23.51
CA VAL A 782 -33.62 7.52 22.98
C VAL A 782 -32.58 7.61 21.88
N THR A 783 -31.51 6.83 21.99
CA THR A 783 -30.58 6.68 20.88
C THR A 783 -31.29 6.11 19.67
N PHE A 784 -32.12 5.08 19.88
CA PHE A 784 -32.90 4.53 18.78
C PHE A 784 -33.71 5.62 18.09
N VAL A 785 -34.50 6.37 18.87
CA VAL A 785 -35.43 7.31 18.26
C VAL A 785 -34.66 8.44 17.58
N THR A 786 -33.60 8.94 18.21
CA THR A 786 -32.86 10.04 17.61
C THR A 786 -32.16 9.60 16.34
N MET A 787 -31.61 8.38 16.33
CA MET A 787 -31.04 7.85 15.09
C MET A 787 -32.10 7.75 14.02
N PHE A 788 -33.32 7.33 14.39
CA PHE A 788 -34.40 7.27 13.41
C PHE A 788 -34.70 8.64 12.83
N LEU A 789 -34.92 9.65 13.68
CA LEU A 789 -35.24 10.97 13.16
C LEU A 789 -34.10 11.52 12.32
N GLN A 790 -32.85 11.30 12.76
CA GLN A 790 -31.72 11.79 12.00
C GLN A 790 -31.66 11.12 10.63
N GLY A 791 -31.82 9.81 10.59
CA GLY A 791 -31.82 9.13 9.32
C GLY A 791 -32.90 9.66 8.41
N PHE A 792 -34.12 9.77 8.93
CA PHE A 792 -35.23 10.25 8.13
C PHE A 792 -34.95 11.64 7.57
N CYS A 793 -34.61 12.58 8.45
CA CYS A 793 -34.52 13.97 8.03
C CYS A 793 -33.32 14.19 7.12
N PHE A 794 -32.17 13.60 7.47
CA PHE A 794 -30.99 13.80 6.65
C PHE A 794 -31.13 13.09 5.32
N GLY A 795 -31.79 11.94 5.29
CA GLY A 795 -32.10 11.32 4.01
C GLY A 795 -32.95 12.22 3.15
N LYS A 796 -34.03 12.75 3.71
CA LYS A 796 -34.88 13.65 2.94
C LYS A 796 -34.07 14.83 2.41
N SER A 797 -33.32 15.50 3.29
CA SER A 797 -32.60 16.70 2.89
C SER A 797 -31.54 16.39 1.86
N GLY A 798 -30.69 15.41 2.12
CA GLY A 798 -29.62 15.09 1.19
C GLY A 798 -30.16 14.62 -0.15
N GLU A 799 -31.23 13.84 -0.15
CA GLU A 799 -31.76 13.32 -1.40
C GLU A 799 -32.46 14.40 -2.21
N LEU A 800 -33.15 15.32 -1.54
CA LEU A 800 -33.75 16.44 -2.27
C LEU A 800 -32.66 17.36 -2.82
N LEU A 801 -31.57 17.54 -2.05
CA LEU A 801 -30.43 18.28 -2.59
C LEU A 801 -29.84 17.54 -3.79
N THR A 802 -29.81 16.21 -3.73
CA THR A 802 -29.31 15.42 -4.85
C THR A 802 -30.17 15.66 -6.08
N LEU A 803 -31.49 15.64 -5.91
CA LEU A 803 -32.40 15.90 -7.02
C LEU A 803 -32.18 17.29 -7.59
N LYS A 804 -32.09 18.29 -6.72
CA LYS A 804 -31.91 19.66 -7.20
C LYS A 804 -30.58 19.83 -7.92
N LEU A 805 -29.51 19.25 -7.37
CA LEU A 805 -28.22 19.37 -8.01
C LEU A 805 -28.22 18.67 -9.37
N ARG A 806 -28.79 17.48 -9.45
CA ARG A 806 -28.84 16.78 -10.73
C ARG A 806 -29.64 17.55 -11.75
N LEU A 807 -30.79 18.12 -11.34
CA LEU A 807 -31.60 18.90 -12.26
C LEU A 807 -30.84 20.12 -12.76
N GLY A 808 -30.30 20.91 -11.85
CA GLY A 808 -29.57 22.10 -12.27
C GLY A 808 -28.41 21.76 -13.18
N ALA A 809 -27.64 20.74 -12.79
CA ALA A 809 -26.56 20.27 -13.63
C ALA A 809 -27.06 19.98 -15.04
N PHE A 810 -27.93 18.97 -15.18
CA PHE A 810 -28.29 18.53 -16.52
C PHE A 810 -28.82 19.69 -17.35
N LYS A 811 -29.66 20.54 -16.74
CA LYS A 811 -30.16 21.70 -17.46
C LYS A 811 -29.01 22.54 -17.98
N SER A 812 -27.99 22.73 -17.14
CA SER A 812 -26.84 23.53 -17.56
C SER A 812 -26.14 22.91 -18.75
N MET A 813 -25.78 21.63 -18.65
CA MET A 813 -25.05 21.02 -19.77
C MET A 813 -25.89 20.98 -21.04
N MET A 814 -27.19 20.71 -20.91
CA MET A 814 -28.01 20.40 -22.08
C MET A 814 -28.56 21.66 -22.74
N ARG A 815 -28.69 22.77 -22.01
CA ARG A 815 -29.13 24.02 -22.61
C ARG A 815 -27.98 24.77 -23.28
N GLN A 816 -26.75 24.30 -23.15
CA GLN A 816 -25.63 24.99 -23.74
C GLN A 816 -25.57 24.72 -25.25
N ASP A 817 -24.71 25.48 -25.93
CA ASP A 817 -24.59 25.39 -27.37
C ASP A 817 -23.89 24.09 -27.76
N LEU A 818 -23.67 23.93 -29.06
CA LEU A 818 -23.12 22.68 -29.58
C LEU A 818 -21.65 22.50 -29.26
N GLY A 819 -20.91 23.60 -29.08
CA GLY A 819 -19.47 23.54 -28.95
C GLY A 819 -18.93 23.19 -27.58
N TRP A 820 -19.80 22.99 -26.58
CA TRP A 820 -19.32 22.76 -25.23
C TRP A 820 -18.45 21.52 -25.13
N PHE A 821 -18.53 20.62 -26.10
CA PHE A 821 -17.68 19.43 -26.11
C PHE A 821 -16.26 19.72 -26.57
N ASP A 822 -15.85 21.00 -26.64
CA ASP A 822 -14.48 21.30 -27.05
C ASP A 822 -13.46 20.69 -26.12
N ASN A 823 -13.83 20.41 -24.87
CA ASN A 823 -12.91 19.83 -23.91
C ASN A 823 -13.09 18.32 -23.89
N PRO A 824 -12.11 17.52 -24.34
CA PRO A 824 -12.28 16.06 -24.31
C PRO A 824 -12.48 15.51 -22.90
N LYS A 825 -12.01 16.21 -21.88
CA LYS A 825 -12.19 15.72 -20.52
C LYS A 825 -13.65 15.48 -20.20
N ASN A 826 -14.55 16.26 -20.80
CA ASN A 826 -15.97 16.07 -20.59
C ASN A 826 -16.51 14.98 -21.51
N SER A 827 -15.91 13.80 -21.44
CA SER A 827 -16.35 12.68 -22.25
C SER A 827 -17.58 12.03 -21.64
N VAL A 828 -18.26 11.21 -22.44
CA VAL A 828 -19.47 10.54 -21.97
C VAL A 828 -19.17 9.76 -20.69
N GLY A 829 -18.09 8.99 -20.70
CA GLY A 829 -17.71 8.28 -19.49
C GLY A 829 -17.43 9.22 -18.34
N ALA A 830 -16.70 10.32 -18.62
CA ALA A 830 -16.35 11.26 -17.57
C ALA A 830 -17.59 11.89 -16.95
N LEU A 831 -18.52 12.36 -17.79
CA LEU A 831 -19.74 12.96 -17.27
C LEU A 831 -20.55 11.93 -16.50
N THR A 832 -20.62 10.70 -16.99
CA THR A 832 -21.38 9.67 -16.30
C THR A 832 -20.81 9.44 -14.91
N THR A 833 -19.49 9.27 -14.80
CA THR A 833 -18.91 9.02 -13.49
C THR A 833 -19.10 10.23 -12.59
N ARG A 834 -18.95 11.43 -13.14
CA ARG A 834 -19.17 12.63 -12.34
C ARG A 834 -20.57 12.63 -11.75
N LEU A 835 -21.58 12.52 -12.60
CA LEU A 835 -22.96 12.54 -12.12
C LEU A 835 -23.20 11.43 -11.12
N ALA A 836 -22.69 10.23 -11.39
CA ALA A 836 -22.98 9.09 -10.52
C ALA A 836 -22.37 9.30 -9.14
N THR A 837 -21.09 9.67 -9.08
CA THR A 837 -20.40 9.69 -7.80
C THR A 837 -20.65 11.00 -7.05
N ASP A 838 -20.31 12.13 -7.68
CA ASP A 838 -20.33 13.39 -6.95
C ASP A 838 -21.69 13.65 -6.30
N ALA A 839 -22.76 13.14 -6.90
CA ALA A 839 -24.09 13.32 -6.31
C ALA A 839 -24.17 12.69 -4.93
N ALA A 840 -23.81 11.41 -4.82
CA ALA A 840 -23.83 10.75 -3.53
C ALA A 840 -22.80 11.38 -2.58
N GLN A 841 -21.65 11.76 -3.11
CA GLN A 841 -20.62 12.35 -2.25
C GLN A 841 -21.11 13.66 -1.64
N VAL A 842 -21.76 14.51 -2.43
CA VAL A 842 -22.25 15.77 -1.88
C VAL A 842 -23.44 15.52 -0.96
N GLN A 843 -24.25 14.51 -1.27
CA GLN A 843 -25.29 14.10 -0.32
C GLN A 843 -24.68 13.82 1.04
N GLY A 844 -23.63 13.00 1.08
CA GLY A 844 -22.94 12.77 2.32
C GLY A 844 -22.38 14.04 2.92
N ALA A 845 -21.79 14.88 2.08
CA ALA A 845 -21.14 16.10 2.56
C ALA A 845 -22.11 16.98 3.32
N THR A 846 -23.11 17.50 2.63
CA THR A 846 -23.94 18.57 3.19
C THR A 846 -24.50 18.18 4.55
N GLY A 847 -24.86 16.91 4.72
CA GLY A 847 -25.47 16.45 5.94
C GLY A 847 -24.48 16.02 6.98
N VAL A 848 -23.62 15.07 6.62
CA VAL A 848 -22.69 14.48 7.60
C VAL A 848 -21.73 15.52 8.13
N ARG A 849 -21.27 16.46 7.29
CA ARG A 849 -20.35 17.48 7.79
C ARG A 849 -21.00 18.27 8.92
N MET A 850 -22.22 18.74 8.71
CA MET A 850 -22.91 19.48 9.74
C MET A 850 -23.17 18.61 10.97
N ALA A 851 -23.61 17.38 10.76
CA ALA A 851 -23.93 16.51 11.89
C ALA A 851 -22.68 16.21 12.72
N THR A 852 -21.56 15.97 12.07
CA THR A 852 -20.31 15.71 12.77
C THR A 852 -19.84 16.95 13.52
N LEU A 853 -19.90 18.12 12.88
CA LEU A 853 -19.55 19.34 13.59
C LEU A 853 -20.43 19.50 14.81
N ALA A 854 -21.73 19.23 14.67
CA ALA A 854 -22.66 19.36 15.79
C ALA A 854 -22.32 18.39 16.90
N GLN A 855 -22.02 17.14 16.55
CA GLN A 855 -21.70 16.14 17.57
C GLN A 855 -20.44 16.53 18.31
N ASN A 856 -19.42 16.98 17.59
CA ASN A 856 -18.16 17.34 18.22
C ASN A 856 -18.33 18.56 19.12
N ILE A 857 -19.01 19.60 18.63
CA ILE A 857 -19.19 20.79 19.45
C ILE A 857 -20.01 20.44 20.69
N ALA A 858 -21.07 19.66 20.52
CA ALA A 858 -21.88 19.28 21.67
C ALA A 858 -21.05 18.49 22.68
N ASN A 859 -20.28 17.52 22.21
CA ASN A 859 -19.47 16.71 23.11
C ASN A 859 -18.49 17.59 23.89
N LEU A 860 -17.71 18.40 23.17
CA LEU A 860 -16.69 19.22 23.83
C LEU A 860 -17.34 20.23 24.77
N GLY A 861 -18.41 20.89 24.34
CA GLY A 861 -19.06 21.87 25.18
C GLY A 861 -19.64 21.24 26.43
N THR A 862 -20.29 20.09 26.29
CA THR A 862 -20.86 19.41 27.44
C THR A 862 -19.77 18.98 28.41
N SER A 863 -18.65 18.46 27.88
CA SER A 863 -17.56 18.03 28.75
C SER A 863 -16.97 19.21 29.51
N ILE A 864 -16.64 20.28 28.80
CA ILE A 864 -16.05 21.45 29.46
C ILE A 864 -17.04 22.02 30.48
N ILE A 865 -18.33 22.03 30.13
CA ILE A 865 -19.33 22.63 31.01
C ILE A 865 -19.50 21.81 32.28
N ILE A 866 -19.61 20.48 32.13
CA ILE A 866 -19.76 19.63 33.31
C ILE A 866 -18.53 19.75 34.20
N SER A 867 -17.34 19.82 33.59
CA SER A 867 -16.13 20.00 34.38
C SER A 867 -16.16 21.33 35.11
N PHE A 868 -16.66 22.39 34.46
CA PHE A 868 -16.71 23.71 35.08
C PHE A 868 -17.77 23.82 36.16
N VAL A 869 -18.79 22.96 36.15
CA VAL A 869 -19.85 23.07 37.15
C VAL A 869 -19.25 23.05 38.54
N TYR A 870 -18.29 22.15 38.78
CA TYR A 870 -17.69 22.02 40.09
C TYR A 870 -16.17 21.88 40.02
N GLY A 871 -15.55 22.28 38.92
CA GLY A 871 -14.10 22.25 38.83
C GLY A 871 -13.51 23.39 38.02
N TRP A 872 -12.64 24.17 38.65
CA TRP A 872 -11.90 25.23 37.98
C TRP A 872 -10.52 24.77 37.52
N GLU A 873 -9.94 23.77 38.18
CA GLU A 873 -8.59 23.31 37.90
C GLU A 873 -8.54 21.99 37.15
N LEU A 874 -9.32 20.99 37.58
CA LEU A 874 -9.28 19.71 36.87
C LEU A 874 -9.65 19.91 35.41
N THR A 875 -10.61 20.80 35.14
CA THR A 875 -10.95 21.13 33.77
C THR A 875 -9.70 21.52 32.98
N LEU A 876 -8.93 22.47 33.53
CA LEU A 876 -7.72 22.92 32.85
C LEU A 876 -6.70 21.79 32.75
N LEU A 877 -6.53 21.03 33.83
CA LEU A 877 -5.50 19.99 33.83
C LEU A 877 -5.75 18.97 32.73
N ILE A 878 -6.99 18.49 32.62
CA ILE A 878 -7.29 17.50 31.59
C ILE A 878 -7.30 18.14 30.21
N LEU A 879 -7.92 19.31 30.07
CA LEU A 879 -7.92 19.99 28.78
C LEU A 879 -6.52 20.37 28.34
N SER A 880 -5.55 20.28 29.24
CA SER A 880 -4.15 20.39 28.85
C SER A 880 -3.56 19.04 28.48
N VAL A 881 -3.59 18.08 29.39
CA VAL A 881 -2.86 16.84 29.15
C VAL A 881 -3.40 16.10 27.94
N VAL A 882 -4.72 16.14 27.72
CA VAL A 882 -5.31 15.39 26.63
C VAL A 882 -4.86 15.96 25.28
N PRO A 883 -5.19 17.21 24.96
CA PRO A 883 -4.83 17.70 23.61
C PRO A 883 -3.34 17.66 23.35
N ILE A 884 -2.51 17.92 24.35
CA ILE A 884 -1.07 17.84 24.15
C ILE A 884 -0.62 16.39 24.08
N MET A 885 -1.49 15.45 24.49
CA MET A 885 -1.23 14.06 24.18
C MET A 885 -1.57 13.77 22.72
N ALA A 886 -2.63 14.41 22.23
CA ALA A 886 -3.06 14.18 20.84
C ALA A 886 -2.07 14.77 19.85
N VAL A 887 -1.59 15.99 20.10
CA VAL A 887 -0.66 16.63 19.17
C VAL A 887 0.63 15.83 19.07
N ALA A 888 1.09 15.29 20.20
CA ALA A 888 2.26 14.42 20.23
C ALA A 888 1.89 12.95 20.14
N GLY A 889 0.62 12.64 19.91
CA GLY A 889 0.17 11.27 19.91
C GLY A 889 -0.12 10.72 18.53
N SER A 890 -1.41 10.66 18.18
CA SER A 890 -1.82 9.98 16.94
C SER A 890 -1.24 10.67 15.72
N VAL A 891 -1.27 12.00 15.69
CA VAL A 891 -0.87 12.73 14.49
C VAL A 891 0.61 12.49 14.18
N GLN A 892 1.45 12.50 15.21
CA GLN A 892 2.89 12.40 14.98
C GLN A 892 3.27 11.08 14.33
N MET A 893 2.62 9.98 14.72
CA MET A 893 3.06 8.63 14.39
C MET A 893 3.55 8.50 12.95
N GLN A 894 2.86 9.16 12.01
CA GLN A 894 3.18 9.01 10.60
C GLN A 894 3.25 10.32 9.84
N LEU A 895 3.30 11.46 10.52
CA LEU A 895 3.22 12.76 9.85
C LEU A 895 4.35 13.70 10.21
N LEU A 896 4.80 13.71 11.46
CA LEU A 896 5.66 14.78 11.93
C LEU A 896 7.11 14.56 11.49
N ALA A 897 7.92 15.59 11.72
CA ALA A 897 9.36 15.53 11.55
C ALA A 897 9.76 15.62 10.08
N GLY A 898 8.77 15.67 9.18
CA GLY A 898 9.02 15.96 7.79
C GLY A 898 9.81 14.90 7.05
N HIS A 899 10.96 14.48 7.59
CA HIS A 899 11.82 13.53 6.91
C HIS A 899 11.20 12.14 6.79
N ALA A 900 10.13 11.85 7.53
CA ALA A 900 9.41 10.61 7.28
C ALA A 900 8.90 10.56 5.85
N ALA A 901 8.30 11.66 5.39
CA ALA A 901 7.88 11.74 4.00
C ALA A 901 9.09 11.67 3.06
N GLU A 902 10.22 12.26 3.47
CA GLU A 902 11.41 12.23 2.62
C GLU A 902 11.88 10.80 2.41
N ASP A 903 12.00 10.02 3.49
CA ASP A 903 12.45 8.65 3.34
C ASP A 903 11.42 7.79 2.63
N LYS A 904 10.13 8.11 2.80
CA LYS A 904 9.11 7.44 2.00
C LYS A 904 9.33 7.71 0.52
N LYS A 905 9.62 8.97 0.17
CA LYS A 905 9.92 9.31 -1.22
C LYS A 905 11.16 8.58 -1.72
N GLU A 906 12.18 8.46 -0.87
CA GLU A 906 13.40 7.80 -1.30
C GLU A 906 13.16 6.32 -1.52
N LEU A 907 12.38 5.68 -0.65
CA LEU A 907 11.99 4.30 -0.92
C LEU A 907 11.19 4.20 -2.21
N GLU A 908 10.38 5.23 -2.49
CA GLU A 908 9.61 5.23 -3.74
C GLU A 908 10.53 5.26 -4.95
N LYS A 909 11.57 6.09 -4.91
CA LYS A 909 12.50 6.21 -6.02
C LYS A 909 13.64 5.19 -5.97
N ALA A 910 13.65 4.32 -4.95
CA ALA A 910 14.70 3.30 -4.86
C ALA A 910 14.70 2.39 -6.08
N GLY A 911 13.51 1.98 -6.53
CA GLY A 911 13.40 1.11 -7.69
C GLY A 911 13.85 1.71 -9.01
N LYS A 912 14.36 2.94 -8.97
CA LYS A 912 14.85 3.59 -10.18
C LYS A 912 15.87 2.73 -10.90
N ILE A 913 16.77 2.09 -10.16
CA ILE A 913 17.79 1.26 -10.77
C ILE A 913 17.23 -0.13 -11.08
N ALA A 914 16.34 -0.63 -10.23
CA ALA A 914 15.80 -1.97 -10.42
C ALA A 914 15.03 -2.06 -11.73
N THR A 915 14.21 -1.05 -12.03
CA THR A 915 13.41 -1.09 -13.25
C THR A 915 14.30 -1.08 -14.49
N GLU A 916 15.36 -0.26 -14.45
CA GLU A 916 16.32 -0.25 -15.55
C GLU A 916 16.99 -1.61 -15.70
N ALA A 917 17.42 -2.20 -14.58
CA ALA A 917 18.13 -3.47 -14.64
C ALA A 917 17.25 -4.57 -15.21
N ILE A 918 15.99 -4.62 -14.77
CA ILE A 918 15.11 -5.68 -15.24
C ILE A 918 14.90 -5.58 -16.73
N GLU A 919 14.74 -4.37 -17.26
CA GLU A 919 14.51 -4.22 -18.69
C GLU A 919 15.77 -4.47 -19.50
N ASN A 920 16.94 -4.14 -18.95
CA ASN A 920 18.20 -4.30 -19.66
C ASN A 920 18.88 -5.63 -19.40
N ILE A 921 18.27 -6.52 -18.61
CA ILE A 921 18.87 -7.81 -18.30
C ILE A 921 19.45 -8.48 -19.54
N ARG A 922 18.87 -8.22 -20.71
CA ARG A 922 19.42 -8.79 -21.94
C ARG A 922 20.86 -8.32 -22.15
N THR A 923 21.08 -7.01 -22.14
CA THR A 923 22.43 -6.50 -22.35
C THR A 923 23.31 -6.76 -21.13
N VAL A 924 22.71 -6.78 -19.94
CA VAL A 924 23.47 -7.12 -18.74
C VAL A 924 24.07 -8.50 -18.87
N ALA A 925 23.28 -9.46 -19.36
CA ALA A 925 23.82 -10.79 -19.65
C ALA A 925 24.85 -10.72 -20.75
N SER A 926 24.58 -9.92 -21.79
CA SER A 926 25.53 -9.82 -22.89
C SER A 926 26.91 -9.39 -22.41
N LEU A 927 26.97 -8.52 -21.41
CA LEU A 927 28.22 -8.00 -20.89
C LEU A 927 28.53 -8.48 -19.47
N THR A 928 27.74 -9.40 -18.91
CA THR A 928 28.00 -9.96 -17.58
C THR A 928 28.21 -8.86 -16.55
N ARG A 929 27.20 -8.03 -16.37
CA ARG A 929 27.26 -6.94 -15.41
C ARG A 929 26.42 -7.19 -14.17
N GLU A 930 25.79 -8.37 -14.06
CA GLU A 930 24.95 -8.65 -12.90
C GLU A 930 25.67 -8.42 -11.58
N PRO A 931 26.91 -8.87 -11.39
CA PRO A 931 27.64 -8.44 -10.19
C PRO A 931 27.82 -6.94 -10.10
N LYS A 932 28.05 -6.27 -11.25
CA LYS A 932 28.25 -4.83 -11.23
C LYS A 932 26.97 -4.10 -10.85
N PHE A 933 25.86 -4.44 -11.49
CA PHE A 933 24.60 -3.83 -11.11
C PHE A 933 24.21 -4.20 -9.69
N GLU A 934 24.59 -5.38 -9.23
CA GLU A 934 24.35 -5.75 -7.84
C GLU A 934 25.12 -4.83 -6.90
N SER A 935 26.38 -4.56 -7.22
CA SER A 935 27.15 -3.63 -6.40
C SER A 935 26.51 -2.25 -6.38
N LEU A 936 26.13 -1.75 -7.56
CA LEU A 936 25.51 -0.44 -7.62
C LEU A 936 24.19 -0.41 -6.86
N TYR A 937 23.43 -1.50 -6.93
CA TYR A 937 22.13 -1.53 -6.27
C TYR A 937 22.28 -1.59 -4.76
N GLN A 938 23.22 -2.40 -4.26
CA GLN A 938 23.47 -2.41 -2.82
C GLN A 938 23.98 -1.05 -2.36
N GLU A 939 24.80 -0.39 -3.18
CA GLU A 939 25.24 0.97 -2.85
C GLU A 939 24.04 1.90 -2.73
N ASN A 940 23.20 1.94 -3.77
CA ASN A 940 22.03 2.81 -3.74
C ASN A 940 21.06 2.44 -2.63
N LEU A 941 21.13 1.19 -2.15
CA LEU A 941 20.29 0.77 -1.04
C LEU A 941 20.90 1.15 0.31
N HIS A 942 22.22 1.33 0.35
CA HIS A 942 22.90 1.62 1.61
C HIS A 942 22.26 2.79 2.34
N VAL A 943 22.13 3.93 1.66
CA VAL A 943 21.54 5.10 2.29
C VAL A 943 20.10 4.76 2.66
N PRO A 944 19.29 4.26 1.72
CA PRO A 944 17.93 3.82 2.06
C PRO A 944 17.88 2.97 3.32
N TYR A 945 18.86 2.10 3.51
CA TYR A 945 18.91 1.31 4.73
C TYR A 945 18.99 2.22 5.96
N LYS A 946 19.86 3.23 5.91
CA LYS A 946 20.00 4.13 7.05
C LYS A 946 18.73 4.93 7.29
N ASN A 947 18.12 5.44 6.22
CA ASN A 947 16.90 6.22 6.39
C ASN A 947 15.78 5.36 6.94
N SER A 948 15.66 4.12 6.44
CA SER A 948 14.66 3.21 6.97
C SER A 948 14.90 2.95 8.46
N GLN A 949 16.16 2.73 8.84
CA GLN A 949 16.45 2.48 10.25
C GLN A 949 16.05 3.67 11.12
N LYS A 950 16.45 4.87 10.73
CA LYS A 950 16.16 6.02 11.58
C LYS A 950 14.68 6.37 11.58
N LYS A 951 14.02 6.18 10.44
CA LYS A 951 12.57 6.38 10.39
C LYS A 951 11.86 5.40 11.31
N ALA A 952 12.33 4.15 11.33
CA ALA A 952 11.76 3.18 12.25
C ALA A 952 11.99 3.61 13.69
N HIS A 953 13.18 4.11 14.01
CA HIS A 953 13.47 4.50 15.38
C HIS A 953 12.57 5.65 15.82
N VAL A 954 12.41 6.66 14.97
CA VAL A 954 11.58 7.81 15.34
C VAL A 954 10.11 7.42 15.40
N TYR A 955 9.65 6.57 14.48
CA TYR A 955 8.27 6.11 14.54
C TYR A 955 8.03 5.34 15.83
N GLY A 956 8.98 4.49 16.22
CA GLY A 956 8.83 3.77 17.47
C GLY A 956 8.78 4.71 18.65
N PHE A 957 9.64 5.74 18.65
CA PHE A 957 9.62 6.71 19.75
C PHE A 957 8.24 7.37 19.86
N THR A 958 7.71 7.86 18.74
CA THR A 958 6.41 8.53 18.80
C THR A 958 5.29 7.57 19.20
N PHE A 959 5.31 6.34 18.69
CA PHE A 959 4.28 5.37 19.05
C PHE A 959 4.33 5.04 20.53
N SER A 960 5.54 4.83 21.07
CA SER A 960 5.67 4.54 22.48
C SER A 960 5.21 5.72 23.33
N PHE A 961 5.55 6.93 22.93
CA PHE A 961 5.10 8.10 23.69
C PHE A 961 3.58 8.21 23.66
N SER A 962 2.97 7.99 22.50
CA SER A 962 1.52 8.05 22.40
C SER A 962 0.87 7.01 23.30
N GLN A 963 1.44 5.79 23.32
CA GLN A 963 0.89 4.75 24.18
C GLN A 963 1.03 5.11 25.66
N ALA A 964 2.18 5.67 26.04
CA ALA A 964 2.42 5.96 27.46
C ALA A 964 1.64 7.17 27.96
N MET A 965 1.29 8.10 27.06
CA MET A 965 0.66 9.33 27.51
C MET A 965 -0.67 9.06 28.20
N ILE A 966 -1.39 8.01 27.80
CA ILE A 966 -2.65 7.70 28.48
C ILE A 966 -2.40 7.37 29.94
N TYR A 967 -1.40 6.52 30.21
CA TYR A 967 -1.09 6.18 31.59
C TYR A 967 -0.66 7.42 32.36
N PHE A 968 0.19 8.23 31.75
CA PHE A 968 0.68 9.42 32.44
C PHE A 968 -0.46 10.35 32.79
N ALA A 969 -1.38 10.58 31.85
CA ALA A 969 -2.53 11.43 32.11
C ALA A 969 -3.42 10.83 33.18
N TYR A 970 -3.63 9.52 33.14
CA TYR A 970 -4.44 8.87 34.16
C TYR A 970 -3.88 9.14 35.55
N ALA A 971 -2.57 8.90 35.72
CA ALA A 971 -1.95 9.12 37.02
C ALA A 971 -2.07 10.57 37.44
N GLY A 972 -1.76 11.49 36.52
CA GLY A 972 -1.80 12.90 36.89
C GLY A 972 -3.18 13.34 37.31
N CYS A 973 -4.19 13.03 36.50
CA CYS A 973 -5.55 13.45 36.82
C CYS A 973 -6.03 12.82 38.11
N PHE A 974 -5.78 11.53 38.30
CA PHE A 974 -6.31 10.86 39.49
C PHE A 974 -5.65 11.39 40.76
N ARG A 975 -4.33 11.57 40.73
CA ARG A 975 -3.66 12.15 41.89
C ARG A 975 -4.12 13.59 42.14
N PHE A 976 -4.36 14.35 41.07
CA PHE A 976 -4.84 15.71 41.25
C PHE A 976 -6.20 15.70 41.93
N GLY A 977 -7.07 14.78 41.52
CA GLY A 977 -8.38 14.68 42.13
C GLY A 977 -8.30 14.27 43.59
N ALA A 978 -7.40 13.34 43.91
CA ALA A 978 -7.18 13.00 45.31
C ALA A 978 -6.70 14.21 46.09
N TRP A 979 -5.81 15.00 45.50
CA TRP A 979 -5.39 16.26 46.11
C TRP A 979 -6.59 17.14 46.39
N LEU A 980 -7.41 17.38 45.37
CA LEU A 980 -8.47 18.38 45.45
C LEU A 980 -9.61 17.93 46.35
N ILE A 981 -9.78 16.62 46.54
CA ILE A 981 -10.76 16.13 47.51
C ILE A 981 -10.20 16.15 48.91
N LYS A 982 -8.92 15.78 49.09
CA LYS A 982 -8.35 15.79 50.43
C LYS A 982 -8.34 17.19 51.01
N GLU A 983 -8.08 18.21 50.17
CA GLU A 983 -8.24 19.58 50.61
C GLU A 983 -9.72 19.94 50.76
N GLY A 984 -10.60 19.21 50.09
CA GLY A 984 -12.03 19.42 50.25
C GLY A 984 -12.63 20.39 49.25
N ARG A 985 -12.40 20.15 47.96
CA ARG A 985 -12.95 20.98 46.89
C ARG A 985 -13.97 20.22 46.06
N MET A 986 -13.58 19.10 45.47
CA MET A 986 -14.47 18.23 44.73
C MET A 986 -14.92 17.08 45.61
N ASP A 987 -15.55 16.07 45.01
CA ASP A 987 -15.96 14.87 45.74
C ASP A 987 -15.74 13.66 44.83
N ALA A 988 -15.59 12.49 45.46
CA ALA A 988 -15.31 11.28 44.69
C ALA A 988 -16.31 11.13 43.56
N GLU A 989 -17.59 11.41 43.84
CA GLU A 989 -18.55 11.53 42.77
C GLU A 989 -18.03 12.45 41.69
N GLY A 990 -17.59 13.65 42.10
CA GLY A 990 -17.16 14.64 41.13
C GLY A 990 -15.91 14.23 40.39
N VAL A 991 -14.91 13.72 41.12
CA VAL A 991 -13.66 13.35 40.45
C VAL A 991 -13.91 12.25 39.44
N TYR A 992 -14.66 11.22 39.83
CA TYR A 992 -14.90 10.13 38.89
C TYR A 992 -15.71 10.60 37.71
N LEU A 993 -16.75 11.40 37.96
CA LEU A 993 -17.58 11.87 36.87
C LEU A 993 -16.75 12.70 35.89
N VAL A 994 -15.96 13.63 36.40
CA VAL A 994 -15.23 14.52 35.50
C VAL A 994 -14.19 13.74 34.71
N ILE A 995 -13.41 12.90 35.39
CA ILE A 995 -12.34 12.19 34.71
C ILE A 995 -12.92 11.26 33.65
N SER A 996 -13.93 10.47 34.02
CA SER A 996 -14.52 9.55 33.07
C SER A 996 -15.20 10.29 31.93
N ALA A 997 -15.90 11.39 32.24
CA ALA A 997 -16.62 12.12 31.20
C ALA A 997 -15.66 12.74 30.20
N VAL A 998 -14.62 13.39 30.68
CA VAL A 998 -13.66 14.00 29.76
C VAL A 998 -12.95 12.93 28.96
N LEU A 999 -12.58 11.82 29.61
CA LEU A 999 -11.89 10.76 28.88
C LEU A 999 -12.77 10.19 27.76
N PHE A 1000 -14.02 9.87 28.07
CA PHE A 1000 -14.90 9.31 27.05
C PHE A 1000 -15.24 10.34 25.97
N GLY A 1001 -15.44 11.60 26.37
CA GLY A 1001 -15.71 12.63 25.37
C GLY A 1001 -14.55 12.81 24.42
N ALA A 1002 -13.33 12.83 24.95
CA ALA A 1002 -12.16 12.90 24.08
C ALA A 1002 -12.06 11.67 23.20
N MET A 1003 -12.34 10.50 23.75
CA MET A 1003 -12.30 9.28 22.95
C MET A 1003 -13.53 9.13 22.08
N ALA A 1004 -14.57 9.93 22.30
CA ALA A 1004 -15.79 9.84 21.53
C ALA A 1004 -15.83 10.78 20.33
N VAL A 1005 -14.78 11.58 20.11
CA VAL A 1005 -14.79 12.51 18.99
C VAL A 1005 -14.86 11.75 17.67
N GLY A 1006 -14.08 10.68 17.54
CA GLY A 1006 -14.02 9.92 16.32
C GLY A 1006 -15.38 9.46 15.83
N PRO A 1013 -12.79 12.81 6.35
CA PRO A 1013 -12.15 12.34 5.12
C PRO A 1013 -12.92 12.75 3.87
N ASN A 1014 -14.23 12.88 4.00
CA ASN A 1014 -15.06 13.21 2.85
C ASN A 1014 -15.12 14.70 2.56
N TYR A 1015 -14.53 15.54 3.41
CA TYR A 1015 -14.56 16.98 3.13
C TYR A 1015 -13.81 17.31 1.85
N ALA A 1016 -12.71 16.59 1.57
CA ALA A 1016 -12.00 16.81 0.32
C ALA A 1016 -12.86 16.48 -0.88
N LYS A 1017 -13.44 15.28 -0.88
CA LYS A 1017 -14.32 14.89 -1.98
C LYS A 1017 -15.60 15.72 -1.96
N ALA A 1018 -16.06 16.09 -0.77
CA ALA A 1018 -17.20 16.99 -0.66
C ALA A 1018 -16.95 18.29 -1.41
N LYS A 1019 -15.82 18.93 -1.13
CA LYS A 1019 -15.50 20.20 -1.77
C LYS A 1019 -15.27 20.01 -3.26
N MET A 1020 -14.61 18.92 -3.65
CA MET A 1020 -14.38 18.68 -5.07
C MET A 1020 -15.70 18.54 -5.81
N SER A 1021 -16.62 17.75 -5.27
CA SER A 1021 -17.92 17.57 -5.92
C SER A 1021 -18.70 18.88 -5.95
N ALA A 1022 -18.70 19.62 -4.84
CA ALA A 1022 -19.42 20.87 -4.78
C ALA A 1022 -18.91 21.83 -5.85
N SER A 1023 -17.60 22.01 -5.91
CA SER A 1023 -17.02 22.94 -6.88
C SER A 1023 -17.27 22.45 -8.31
N HIS A 1024 -17.15 21.14 -8.54
CA HIS A 1024 -17.41 20.61 -9.88
C HIS A 1024 -18.83 20.97 -10.32
N LEU A 1025 -19.82 20.67 -9.48
CA LEU A 1025 -21.19 20.95 -9.85
C LEU A 1025 -21.43 22.44 -10.02
N MET A 1026 -20.90 23.27 -9.12
CA MET A 1026 -21.12 24.70 -9.22
C MET A 1026 -20.52 25.28 -10.51
N MET A 1027 -19.25 24.99 -10.77
CA MET A 1027 -18.63 25.51 -11.98
C MET A 1027 -19.24 24.88 -13.22
N LEU A 1028 -19.91 23.73 -13.09
CA LEU A 1028 -20.54 23.08 -14.23
C LEU A 1028 -21.97 23.56 -14.48
N MET A 1029 -22.62 24.16 -13.48
CA MET A 1029 -24.00 24.59 -13.61
C MET A 1029 -24.15 26.10 -13.59
N ASN A 1030 -23.40 26.78 -12.73
CA ASN A 1030 -23.55 28.23 -12.62
C ASN A 1030 -23.22 28.93 -13.94
N ARG A 1031 -22.18 28.47 -14.63
CA ARG A 1031 -21.83 29.10 -15.89
C ARG A 1031 -22.95 28.89 -16.90
N GLU A 1032 -23.22 29.93 -17.70
CA GLU A 1032 -24.33 29.91 -18.63
C GLU A 1032 -25.61 29.50 -17.91
#